data_4P2C
#
_entry.id   4P2C
#
_cell.length_a   191.838
_cell.length_b   88.192
_cell.length_c   100.664
_cell.angle_alpha   90.00
_cell.angle_beta   90.00
_cell.angle_gamma   90.00
#
_symmetry.space_group_name_H-M   'P 21 21 2'
#
loop_
_entity.id
_entity.type
_entity.pdbx_description
1 polymer 'Shiga toxin 2e, subunit A'
2 polymer 'Shiga toxin 2e, subunit B'
3 polymer 'Nanobody 1, Anti-F4+ETEC bacteria VHH variable region'
#
loop_
_entity_poly.entity_id
_entity_poly.type
_entity_poly.pdbx_seq_one_letter_code
_entity_poly.pdbx_strand_id
1 'polypeptide(L)'
;QEFTIDFSTQQSYVSSLNSIRTAISTPLEHISQGATSVSVINHTPPGSYISVGIRGLDVYQERFDHLRLIIERNNLSVAG
FVNTTTNTFYRFSDFAHISLPGVTTISMTTDSSYTTPQRVAALERSGMQVSRHSLVSSYLALMEFSGNTMTREASRAVLR
FVTVTAQALRFRQIQREFRQALSETAPVYTMTPEDVDLTLNWGRISNVLPEYRGEAGVRVGRISFNNISAILGTVAVILN
CHHQGARSVRAVNEESQPECQITGDRPVIKITNTLWESNTAAAFLNRKSQSLYTTGE
;
A
2 'polypeptide(L)' ADCAKGKIEFSKYNEDNTFTVKVSGREYWTNRWNLQPLLQSAQLTGMTVTIISNTCSSGSGFAQVKFN B,C,D,E,F
3 'polypeptide(L)'
;QVQLQESGGGLVQAGGSLRLSCAVSGSIFRLSTMGWYRQAPGKQREFVASITSYGDTNYRDSVKGRFTISRDNAKNTVYL
QMNSLKPEDTAVYYCNANIEAGTYYGPGRDYWGQGTQVTVSSHHHHHH
;
G,H,I,J,K
#
# COMPACT_ATOMS: atom_id res chain seq x y z
N GLN A 1 32.51 -0.21 -42.68
CA GLN A 1 31.45 -0.94 -41.99
C GLN A 1 31.61 -2.45 -42.17
N GLU A 2 32.83 -2.86 -42.48
CA GLU A 2 33.19 -4.28 -42.45
C GLU A 2 34.37 -4.47 -41.50
N PHE A 3 34.16 -5.29 -40.48
CA PHE A 3 35.16 -5.47 -39.45
C PHE A 3 35.36 -6.94 -39.20
N THR A 4 36.32 -7.28 -38.38
CA THR A 4 36.52 -8.68 -38.02
C THR A 4 36.68 -8.82 -36.52
N ILE A 5 36.36 -10.01 -36.01
CA ILE A 5 36.65 -10.32 -34.63
C ILE A 5 37.57 -11.54 -34.57
N ASP A 6 38.78 -11.30 -34.10
CA ASP A 6 39.86 -12.29 -34.14
C ASP A 6 39.94 -13.16 -32.89
N PHE A 7 39.40 -14.38 -32.95
CA PHE A 7 39.37 -15.28 -31.79
C PHE A 7 40.67 -16.10 -31.62
N SER A 8 41.73 -15.67 -32.28
CA SER A 8 43.04 -16.34 -32.21
C SER A 8 43.65 -16.34 -30.80
N THR A 9 43.65 -15.19 -30.15
CA THR A 9 44.17 -15.09 -28.78
C THR A 9 43.46 -14.01 -27.93
N GLN A 10 43.75 -13.99 -26.63
CA GLN A 10 43.21 -13.00 -25.69
C GLN A 10 43.36 -11.57 -26.19
N GLN A 11 44.57 -11.19 -26.54
CA GLN A 11 44.89 -9.82 -26.92
C GLN A 11 44.41 -9.45 -28.32
N SER A 12 44.19 -10.45 -29.17
CA SER A 12 43.76 -10.18 -30.53
C SER A 12 42.25 -10.00 -30.57
N TYR A 13 41.59 -10.58 -29.58
CA TYR A 13 40.15 -10.44 -29.35
C TYR A 13 39.78 -8.99 -28.98
N VAL A 14 40.31 -8.51 -27.86
CA VAL A 14 40.08 -7.11 -27.46
C VAL A 14 40.57 -6.08 -28.49
N SER A 15 41.56 -6.45 -29.31
CA SER A 15 42.01 -5.57 -30.39
C SER A 15 40.91 -5.41 -31.41
N SER A 16 40.20 -6.50 -31.67
CA SER A 16 39.08 -6.52 -32.61
C SER A 16 37.92 -5.72 -32.06
N LEU A 17 37.52 -6.04 -30.82
CA LEU A 17 36.43 -5.32 -30.14
C LEU A 17 36.73 -3.82 -30.08
N ASN A 18 37.93 -3.45 -29.64
CA ASN A 18 38.32 -2.03 -29.56
C ASN A 18 38.33 -1.30 -30.89
N SER A 19 38.86 -1.96 -31.92
CA SER A 19 38.92 -1.36 -33.25
C SER A 19 37.52 -1.11 -33.80
N ILE A 20 36.58 -2.02 -33.47
CA ILE A 20 35.17 -1.80 -33.81
C ILE A 20 34.58 -0.67 -32.99
N ARG A 21 34.89 -0.59 -31.69
CA ARG A 21 34.36 0.48 -30.83
C ARG A 21 34.82 1.88 -31.25
N THR A 22 36.14 2.07 -31.40
CA THR A 22 36.70 3.35 -31.83
C THR A 22 36.07 3.80 -33.14
N ALA A 23 35.82 2.82 -33.99
CA ALA A 23 35.22 3.04 -35.28
C ALA A 23 33.76 3.49 -35.17
N ILE A 24 33.03 2.92 -34.21
CA ILE A 24 31.58 3.11 -34.08
C ILE A 24 31.18 4.29 -33.19
N SER A 25 31.98 4.58 -32.16
CA SER A 25 31.58 5.53 -31.13
C SER A 25 32.66 6.47 -30.58
N THR A 26 32.23 7.59 -30.03
CA THR A 26 33.12 8.56 -29.38
C THR A 26 33.05 8.50 -27.84
N PRO A 27 34.21 8.63 -27.15
CA PRO A 27 34.22 8.55 -25.68
C PRO A 27 33.42 9.66 -25.00
N LEU A 28 33.02 9.41 -23.75
CA LEU A 28 32.37 10.41 -22.93
C LEU A 28 33.46 11.19 -22.21
N GLU A 29 33.32 12.51 -22.29
CA GLU A 29 34.23 13.44 -21.62
C GLU A 29 34.54 13.03 -20.17
N HIS A 30 33.50 12.73 -19.40
CA HIS A 30 33.65 12.51 -17.96
C HIS A 30 33.75 11.04 -17.50
N ILE A 31 34.02 10.12 -18.43
CA ILE A 31 34.23 8.71 -18.05
C ILE A 31 35.45 8.09 -18.81
N SER A 32 36.65 8.60 -18.50
CA SER A 32 37.90 8.08 -19.04
C SER A 32 38.87 7.77 -17.89
N GLN A 33 39.67 6.73 -18.03
CA GLN A 33 40.69 6.36 -17.03
C GLN A 33 41.74 5.43 -17.61
N GLY A 34 42.65 5.98 -18.43
CA GLY A 34 43.72 5.20 -19.03
C GLY A 34 43.32 4.66 -20.39
N ALA A 35 42.88 5.57 -21.28
CA ALA A 35 42.50 5.26 -22.67
C ALA A 35 41.29 4.32 -22.83
N THR A 36 40.97 3.57 -21.77
CA THR A 36 39.70 2.86 -21.70
C THR A 36 38.59 3.87 -21.34
N SER A 37 37.48 3.79 -22.05
CA SER A 37 36.40 4.75 -21.90
C SER A 37 35.03 4.11 -21.97
N VAL A 38 34.00 4.87 -21.61
CA VAL A 38 32.65 4.56 -22.04
C VAL A 38 32.32 5.49 -23.19
N SER A 39 32.01 4.91 -24.34
CA SER A 39 31.72 5.70 -25.52
C SER A 39 30.27 5.53 -25.97
N VAL A 40 29.70 6.56 -26.60
CA VAL A 40 28.32 6.49 -27.09
C VAL A 40 28.26 6.40 -28.61
N ILE A 41 27.61 5.35 -29.09
CA ILE A 41 27.36 5.13 -30.51
C ILE A 41 26.94 6.39 -31.26
N ASN A 42 27.53 6.62 -32.43
CA ASN A 42 27.25 7.81 -33.22
C ASN A 42 25.93 7.71 -33.96
N HIS A 43 25.28 8.86 -34.16
CA HIS A 43 24.13 8.99 -35.06
C HIS A 43 24.55 8.43 -36.41
N THR A 44 23.74 7.51 -36.93
CA THR A 44 23.95 6.95 -38.26
C THR A 44 22.57 6.62 -38.84
N PRO A 45 22.30 7.07 -40.07
CA PRO A 45 20.87 7.18 -40.37
C PRO A 45 20.34 6.25 -41.46
N PRO A 46 19.31 5.43 -41.14
CA PRO A 46 18.98 5.01 -39.78
C PRO A 46 19.00 3.48 -39.70
N GLY A 47 19.13 2.82 -40.84
CA GLY A 47 19.21 1.37 -40.89
C GLY A 47 20.62 0.93 -41.22
N SER A 48 21.59 1.71 -40.77
CA SER A 48 22.98 1.45 -41.10
C SER A 48 23.41 0.17 -40.41
N TYR A 49 24.32 -0.55 -41.03
CA TYR A 49 24.75 -1.83 -40.49
C TYR A 49 26.26 -1.94 -40.52
N ILE A 50 26.76 -3.00 -39.88
CA ILE A 50 28.14 -3.43 -40.04
C ILE A 50 28.14 -4.93 -40.25
N SER A 51 29.04 -5.42 -41.11
CA SER A 51 29.23 -6.85 -41.28
C SER A 51 30.55 -7.25 -40.65
N VAL A 52 30.46 -7.99 -39.54
CA VAL A 52 31.65 -8.40 -38.82
C VAL A 52 31.88 -9.89 -39.01
N GLY A 53 32.98 -10.20 -39.71
CA GLY A 53 33.36 -11.56 -39.98
C GLY A 53 34.08 -12.16 -38.80
N ILE A 54 33.71 -13.40 -38.48
CA ILE A 54 34.37 -14.13 -37.40
C ILE A 54 35.61 -14.87 -37.93
N ARG A 55 36.77 -14.51 -37.41
CA ARG A 55 38.04 -14.99 -37.94
C ARG A 55 39.00 -15.51 -36.88
N GLY A 56 38.85 -16.79 -36.55
CA GLY A 56 39.61 -17.43 -35.50
C GLY A 56 38.83 -18.66 -35.11
N LEU A 57 39.17 -19.23 -33.95
CA LEU A 57 38.56 -20.48 -33.42
C LEU A 57 39.25 -21.73 -33.99
N ASP A 58 40.13 -21.52 -34.96
CA ASP A 58 40.89 -22.59 -35.59
C ASP A 58 42.30 -22.67 -34.99
N VAL A 59 42.63 -21.63 -34.23
CA VAL A 59 43.98 -21.36 -33.71
C VAL A 59 45.16 -21.56 -34.67
N TYR A 60 45.47 -22.82 -34.99
CA TYR A 60 46.68 -23.15 -35.76
C TYR A 60 46.58 -22.88 -37.27
N GLN A 61 45.39 -23.08 -37.84
CA GLN A 61 45.19 -23.00 -39.30
C GLN A 61 44.52 -21.69 -39.79
N GLU A 62 43.54 -21.83 -40.66
CA GLU A 62 42.82 -20.69 -41.21
C GLU A 62 41.45 -21.14 -41.73
N ARG A 63 40.91 -22.20 -41.12
CA ARG A 63 39.56 -22.66 -41.40
C ARG A 63 38.53 -21.71 -40.78
N PHE A 64 37.26 -21.89 -41.13
CA PHE A 64 36.16 -21.17 -40.49
C PHE A 64 36.14 -19.66 -40.72
N ASP A 65 36.95 -19.15 -41.64
CA ASP A 65 36.99 -17.71 -41.94
C ASP A 65 35.85 -17.29 -42.88
N HIS A 66 34.78 -18.08 -42.85
CA HIS A 66 33.52 -17.78 -43.49
C HIS A 66 32.58 -17.41 -42.34
N LEU A 67 31.30 -17.22 -42.62
CA LEU A 67 30.34 -16.71 -41.62
C LEU A 67 30.65 -15.31 -41.11
N ARG A 68 29.78 -14.37 -41.46
CA ARG A 68 29.92 -13.02 -40.96
C ARG A 68 28.63 -12.66 -40.26
N LEU A 69 28.71 -11.75 -39.29
CA LEU A 69 27.54 -11.34 -38.54
C LEU A 69 27.10 -9.92 -38.94
N ILE A 70 25.81 -9.76 -39.21
CA ILE A 70 25.26 -8.44 -39.51
C ILE A 70 24.65 -7.86 -38.24
N ILE A 71 25.07 -6.64 -37.93
CA ILE A 71 24.66 -5.97 -36.71
C ILE A 71 24.25 -4.55 -37.12
N GLU A 72 23.05 -4.10 -36.73
CA GLU A 72 22.66 -2.72 -37.01
C GLU A 72 23.59 -1.82 -36.21
N ARG A 73 23.86 -0.62 -36.69
CA ARG A 73 24.91 0.22 -36.07
C ARG A 73 24.44 0.88 -34.77
N ASN A 74 23.29 1.55 -34.78
CA ASN A 74 22.79 2.18 -33.56
C ASN A 74 22.38 1.18 -32.47
N ASN A 75 21.75 0.09 -32.88
CA ASN A 75 21.28 -0.93 -31.96
C ASN A 75 22.37 -1.79 -31.29
N LEU A 76 23.38 -2.18 -32.06
CA LEU A 76 24.20 -3.37 -31.77
C LEU A 76 23.35 -4.63 -31.63
N SER A 77 22.19 -4.61 -32.28
CA SER A 77 21.37 -5.80 -32.40
C SER A 77 21.80 -6.61 -33.62
N VAL A 78 21.67 -7.94 -33.54
CA VAL A 78 22.03 -8.77 -34.67
C VAL A 78 20.82 -9.02 -35.58
N ALA A 79 20.89 -8.51 -36.81
CA ALA A 79 19.81 -8.65 -37.77
C ALA A 79 19.78 -10.06 -38.31
N GLY A 80 20.97 -10.61 -38.54
CA GLY A 80 21.14 -11.97 -39.01
C GLY A 80 22.59 -12.26 -39.28
N PHE A 81 22.86 -13.40 -39.91
CA PHE A 81 24.22 -13.83 -40.22
C PHE A 81 24.32 -14.19 -41.70
N VAL A 82 25.42 -13.81 -42.34
CA VAL A 82 25.63 -14.23 -43.72
C VAL A 82 26.40 -15.54 -43.71
N ASN A 83 26.25 -16.30 -44.79
CA ASN A 83 27.03 -17.51 -45.03
C ASN A 83 27.88 -17.26 -46.27
N THR A 84 29.09 -16.73 -46.09
CA THR A 84 29.92 -16.28 -47.22
C THR A 84 30.23 -17.38 -48.23
N THR A 85 30.10 -18.64 -47.79
CA THR A 85 30.19 -19.78 -48.70
C THR A 85 29.04 -19.73 -49.70
N THR A 86 27.81 -19.98 -49.21
CA THR A 86 26.63 -20.02 -50.07
C THR A 86 26.09 -18.63 -50.46
N ASN A 87 26.76 -17.58 -49.98
CA ASN A 87 26.36 -16.20 -50.26
C ASN A 87 24.89 -15.90 -50.00
N THR A 88 24.40 -16.39 -48.87
CA THR A 88 23.01 -16.15 -48.43
C THR A 88 22.98 -15.53 -47.03
N PHE A 89 22.39 -14.34 -46.91
CA PHE A 89 22.28 -13.65 -45.63
C PHE A 89 20.91 -13.87 -44.95
N TYR A 90 20.90 -14.65 -43.87
CA TYR A 90 19.65 -15.04 -43.19
C TYR A 90 19.16 -14.00 -42.18
N ARG A 91 18.23 -13.15 -42.58
CA ARG A 91 17.79 -12.03 -41.76
C ARG A 91 16.53 -12.34 -40.95
N PHE A 92 16.53 -11.92 -39.68
CA PHE A 92 15.36 -12.12 -38.81
C PHE A 92 14.14 -11.29 -39.22
N SER A 93 12.96 -11.80 -38.88
CA SER A 93 11.66 -11.23 -39.26
C SER A 93 11.52 -9.74 -38.94
N ASP A 94 11.91 -9.39 -37.73
CA ASP A 94 11.80 -8.01 -37.25
C ASP A 94 12.86 -7.10 -37.85
N PHE A 95 13.71 -7.65 -38.72
CA PHE A 95 14.79 -6.83 -39.27
C PHE A 95 14.66 -6.57 -40.76
N ALA A 96 13.44 -6.74 -41.26
CA ALA A 96 13.11 -6.57 -42.67
C ALA A 96 13.78 -5.37 -43.37
N HIS A 97 13.85 -4.24 -42.65
CA HIS A 97 14.29 -2.97 -43.23
C HIS A 97 15.71 -2.93 -43.83
N ILE A 98 16.66 -3.63 -43.20
CA ILE A 98 18.07 -3.50 -43.62
C ILE A 98 18.56 -4.56 -44.61
N SER A 99 19.06 -4.09 -45.74
CA SER A 99 19.45 -4.96 -46.85
C SER A 99 20.84 -4.65 -47.37
N LEU A 100 21.70 -5.67 -47.43
CA LEU A 100 23.04 -5.50 -47.97
C LEU A 100 23.09 -5.99 -49.42
N PRO A 101 23.82 -5.25 -50.27
CA PRO A 101 23.88 -5.48 -51.73
C PRO A 101 24.53 -6.79 -52.15
N GLY A 102 23.94 -7.46 -53.14
CA GLY A 102 24.55 -8.63 -53.75
C GLY A 102 24.12 -9.95 -53.14
N VAL A 103 24.38 -10.11 -51.86
CA VAL A 103 24.07 -11.35 -51.16
C VAL A 103 22.56 -11.64 -51.17
N THR A 104 22.21 -12.89 -51.40
CA THR A 104 20.82 -13.37 -51.33
C THR A 104 20.25 -13.08 -49.95
N THR A 105 18.95 -12.81 -49.87
CA THR A 105 18.35 -12.49 -48.58
C THR A 105 17.11 -13.34 -48.27
N ILE A 106 17.18 -14.10 -47.18
CA ILE A 106 16.10 -15.00 -46.78
C ILE A 106 15.44 -14.53 -45.48
N SER A 107 14.35 -13.75 -45.61
CA SER A 107 13.61 -13.34 -44.42
C SER A 107 13.00 -14.55 -43.72
N MET A 108 13.22 -14.66 -42.41
CA MET A 108 12.79 -15.85 -41.69
C MET A 108 11.47 -15.63 -40.96
N THR A 109 10.94 -16.69 -40.36
CA THR A 109 9.70 -16.62 -39.62
C THR A 109 9.88 -15.94 -38.26
N THR A 110 10.93 -16.35 -37.55
CA THR A 110 11.13 -15.96 -36.16
C THR A 110 12.02 -14.73 -36.02
N ASP A 111 11.86 -14.02 -34.90
CA ASP A 111 12.61 -12.80 -34.63
C ASP A 111 13.85 -13.04 -33.75
N SER A 112 14.63 -12.00 -33.55
CA SER A 112 15.93 -12.12 -32.87
C SER A 112 15.86 -12.00 -31.35
N SER A 113 14.77 -11.45 -30.84
CA SER A 113 14.60 -11.19 -29.40
C SER A 113 14.97 -12.41 -28.55
N TYR A 114 15.91 -12.24 -27.62
CA TYR A 114 16.46 -13.36 -26.82
C TYR A 114 15.41 -14.33 -26.24
N THR A 115 14.19 -13.85 -26.03
CA THR A 115 13.07 -14.71 -25.61
C THR A 115 12.82 -15.80 -26.65
N THR A 116 13.01 -15.44 -27.92
CA THR A 116 12.81 -16.38 -29.04
C THR A 116 13.95 -17.43 -29.22
N PRO A 117 15.22 -17.01 -29.42
CA PRO A 117 16.22 -18.08 -29.49
C PRO A 117 16.42 -18.89 -28.19
N GLN A 118 15.93 -18.40 -27.05
CA GLN A 118 15.99 -19.20 -25.83
C GLN A 118 14.91 -20.27 -25.87
N ARG A 119 13.69 -19.87 -26.23
CA ARG A 119 12.58 -20.81 -26.35
C ARG A 119 12.88 -21.90 -27.39
N VAL A 120 13.24 -21.50 -28.62
CA VAL A 120 13.42 -22.48 -29.69
C VAL A 120 14.76 -23.25 -29.65
N ALA A 121 15.77 -22.72 -28.97
CA ALA A 121 16.96 -23.53 -28.67
C ALA A 121 16.62 -24.36 -27.46
N ALA A 122 17.52 -24.42 -26.50
CA ALA A 122 17.16 -25.05 -25.23
C ALA A 122 17.62 -24.19 -24.07
N LEU A 123 18.90 -23.84 -24.09
CA LEU A 123 19.51 -23.08 -22.99
C LEU A 123 18.99 -21.66 -22.89
N GLU A 124 19.07 -21.11 -21.68
CA GLU A 124 18.92 -19.68 -21.49
C GLU A 124 20.26 -19.05 -21.11
N ARG A 125 20.51 -17.85 -21.62
CA ARG A 125 21.63 -17.05 -21.16
C ARG A 125 21.39 -16.90 -19.66
N SER A 126 22.46 -17.08 -18.88
CA SER A 126 22.45 -17.30 -17.42
C SER A 126 22.49 -18.79 -17.15
N GLY A 127 23.69 -19.28 -16.83
CA GLY A 127 23.94 -20.70 -16.74
C GLY A 127 24.64 -21.17 -18.00
N MET A 128 24.48 -20.41 -19.08
CA MET A 128 24.99 -20.78 -20.40
C MET A 128 26.52 -20.79 -20.51
N GLN A 129 27.05 -21.88 -21.06
CA GLN A 129 28.50 -22.05 -21.23
C GLN A 129 28.98 -21.71 -22.65
N VAL A 130 30.02 -20.88 -22.73
CA VAL A 130 30.58 -20.51 -24.03
C VAL A 130 32.10 -20.70 -24.00
N SER A 131 32.58 -21.66 -24.78
CA SER A 131 34.02 -21.95 -24.87
C SER A 131 34.52 -21.81 -26.31
N ARG A 132 35.75 -22.24 -26.60
CA ARG A 132 36.23 -22.23 -27.98
C ARG A 132 35.62 -23.37 -28.78
N HIS A 133 35.38 -24.50 -28.11
CA HIS A 133 34.69 -25.62 -28.71
C HIS A 133 33.25 -25.22 -29.08
N SER A 134 32.51 -24.70 -28.11
CA SER A 134 31.12 -24.28 -28.30
C SER A 134 30.97 -23.23 -29.40
N LEU A 135 32.04 -22.51 -29.71
CA LEU A 135 32.02 -21.53 -30.80
C LEU A 135 32.25 -22.18 -32.18
N VAL A 136 33.20 -23.12 -32.24
CA VAL A 136 33.40 -23.95 -33.45
C VAL A 136 32.11 -24.67 -33.79
N SER A 137 31.57 -25.39 -32.81
CA SER A 137 30.28 -26.05 -32.93
C SER A 137 29.18 -25.07 -33.38
N SER A 138 29.17 -23.88 -32.79
CA SER A 138 28.18 -22.87 -33.15
C SER A 138 28.49 -22.27 -34.52
N TYR A 139 29.72 -22.42 -34.98
CA TYR A 139 30.07 -21.98 -36.32
C TYR A 139 29.55 -22.96 -37.36
N LEU A 140 29.76 -24.25 -37.09
CA LEU A 140 29.33 -25.30 -38.02
C LEU A 140 27.81 -25.39 -38.03
N ALA A 141 27.20 -24.98 -36.92
CA ALA A 141 25.75 -24.96 -36.78
C ALA A 141 25.08 -23.97 -37.75
N LEU A 142 25.82 -22.94 -38.15
CA LEU A 142 25.28 -21.90 -39.00
C LEU A 142 25.67 -22.06 -40.48
N MET A 143 26.72 -22.84 -40.73
CA MET A 143 27.09 -23.19 -42.10
C MET A 143 26.16 -24.28 -42.65
N GLU A 144 25.78 -25.21 -41.78
CA GLU A 144 24.83 -26.28 -42.11
C GLU A 144 23.37 -25.80 -42.25
N PHE A 145 23.15 -24.51 -42.01
CA PHE A 145 21.79 -23.98 -42.01
C PHE A 145 21.36 -23.43 -43.37
N SER A 146 20.09 -23.68 -43.64
CA SER A 146 19.34 -23.07 -44.74
C SER A 146 17.87 -23.10 -44.37
N GLY A 147 17.06 -22.32 -45.09
CA GLY A 147 15.64 -22.25 -44.79
C GLY A 147 15.34 -20.95 -44.09
N ASN A 148 14.10 -20.79 -43.64
CA ASN A 148 13.65 -19.55 -43.02
C ASN A 148 12.91 -19.82 -41.73
N THR A 149 13.25 -20.96 -41.13
CA THR A 149 12.49 -21.54 -40.03
C THR A 149 13.17 -21.35 -38.66
N MET A 150 14.48 -21.63 -38.62
CA MET A 150 15.34 -21.56 -37.41
C MET A 150 15.26 -22.80 -36.52
N THR A 151 16.25 -23.68 -36.69
CA THR A 151 16.34 -24.92 -35.92
C THR A 151 16.65 -24.69 -34.45
N ARG A 152 16.76 -25.79 -33.70
CA ARG A 152 17.14 -25.74 -32.29
C ARG A 152 18.61 -25.39 -32.12
N GLU A 153 19.46 -26.02 -32.93
CA GLU A 153 20.92 -25.85 -32.79
C GLU A 153 21.45 -24.61 -33.49
N ALA A 154 20.60 -23.92 -34.25
CA ALA A 154 21.00 -22.68 -34.89
C ALA A 154 20.59 -21.51 -34.01
N SER A 155 19.59 -21.76 -33.16
CA SER A 155 19.18 -20.80 -32.15
C SER A 155 20.17 -20.82 -30.99
N ARG A 156 20.84 -21.96 -30.79
CA ARG A 156 21.93 -22.05 -29.84
C ARG A 156 23.15 -21.31 -30.37
N ALA A 157 23.36 -21.42 -31.67
CA ALA A 157 24.55 -20.85 -32.29
C ALA A 157 24.52 -19.32 -32.33
N VAL A 158 23.33 -18.74 -32.43
CA VAL A 158 23.21 -17.28 -32.40
C VAL A 158 23.30 -16.73 -30.97
N LEU A 159 22.74 -17.46 -30.01
CA LEU A 159 22.79 -17.06 -28.60
C LEU A 159 24.21 -17.02 -28.07
N ARG A 160 25.13 -17.73 -28.74
CA ARG A 160 26.51 -17.75 -28.30
C ARG A 160 27.37 -16.69 -28.98
N PHE A 161 27.12 -16.44 -30.27
CA PHE A 161 27.84 -15.39 -30.98
C PHE A 161 27.35 -13.99 -30.61
N VAL A 162 26.06 -13.90 -30.23
CA VAL A 162 25.50 -12.65 -29.71
C VAL A 162 26.18 -12.24 -28.42
N THR A 163 26.37 -13.22 -27.53
CA THR A 163 27.00 -12.99 -26.24
C THR A 163 28.46 -12.56 -26.35
N VAL A 164 29.18 -13.04 -27.36
CA VAL A 164 30.62 -12.74 -27.41
C VAL A 164 31.03 -11.68 -28.42
N THR A 165 30.08 -11.20 -29.22
CA THR A 165 30.38 -10.11 -30.16
C THR A 165 29.68 -8.83 -29.74
N ALA A 166 28.42 -8.67 -30.13
CA ALA A 166 27.68 -7.45 -29.84
C ALA A 166 27.52 -7.22 -28.33
N GLN A 167 27.36 -8.31 -27.57
CA GLN A 167 27.22 -8.19 -26.13
C GLN A 167 28.51 -7.70 -25.50
N ALA A 168 29.63 -8.33 -25.84
CA ALA A 168 30.93 -7.95 -25.29
C ALA A 168 31.42 -6.61 -25.86
N LEU A 169 30.94 -6.25 -27.05
CA LEU A 169 31.22 -4.93 -27.59
C LEU A 169 30.66 -3.92 -26.61
N ARG A 170 29.44 -4.19 -26.13
CA ARG A 170 28.72 -3.28 -25.23
C ARG A 170 29.35 -3.21 -23.85
N PHE A 171 29.59 -4.37 -23.27
CA PHE A 171 30.09 -4.49 -21.90
C PHE A 171 31.49 -5.08 -21.78
N ARG A 172 32.44 -4.22 -21.42
CA ARG A 172 33.78 -4.62 -21.08
C ARG A 172 33.83 -5.75 -20.04
N GLN A 173 32.77 -5.92 -19.24
CA GLN A 173 32.74 -6.98 -18.25
C GLN A 173 32.64 -8.37 -18.88
N ILE A 174 31.92 -8.47 -19.99
CA ILE A 174 31.76 -9.74 -20.69
C ILE A 174 33.02 -10.06 -21.50
N GLN A 175 33.61 -9.01 -22.11
CA GLN A 175 34.91 -9.11 -22.77
C GLN A 175 35.95 -9.76 -21.86
N ARG A 176 36.20 -9.12 -20.71
CA ARG A 176 37.17 -9.63 -19.74
C ARG A 176 36.92 -11.08 -19.32
N GLU A 177 35.73 -11.38 -18.85
CA GLU A 177 35.48 -12.71 -18.30
C GLU A 177 35.37 -13.82 -19.37
N PHE A 178 35.17 -13.43 -20.63
CA PHE A 178 35.15 -14.42 -21.70
C PHE A 178 36.51 -14.62 -22.37
N ARG A 179 37.31 -13.55 -22.51
CA ARG A 179 38.59 -13.68 -23.21
C ARG A 179 39.49 -14.79 -22.64
N GLN A 180 39.20 -15.23 -21.42
CA GLN A 180 39.86 -16.38 -20.80
C GLN A 180 39.85 -17.65 -21.64
N ALA A 181 38.71 -17.93 -22.26
CA ALA A 181 38.53 -19.19 -22.97
C ALA A 181 39.29 -19.22 -24.28
N LEU A 182 40.07 -18.17 -24.56
CA LEU A 182 40.80 -18.09 -25.82
C LEU A 182 42.24 -18.61 -25.74
N SER A 183 42.91 -18.35 -24.62
CA SER A 183 44.30 -18.77 -24.46
C SER A 183 44.41 -20.28 -24.18
N GLU A 184 45.64 -20.73 -23.93
CA GLU A 184 45.90 -22.15 -23.70
C GLU A 184 45.20 -22.64 -22.43
N THR A 185 44.81 -23.91 -22.47
CA THR A 185 43.71 -24.47 -21.68
C THR A 185 42.41 -23.80 -22.12
N ALA A 186 41.32 -24.55 -22.14
CA ALA A 186 40.03 -23.98 -22.45
C ALA A 186 39.29 -23.79 -21.13
N PRO A 187 39.48 -22.63 -20.48
CA PRO A 187 38.93 -22.43 -19.14
C PRO A 187 37.41 -22.57 -19.12
N VAL A 188 36.74 -22.07 -20.17
CA VAL A 188 35.28 -22.14 -20.33
C VAL A 188 34.47 -21.08 -19.55
N TYR A 189 34.02 -20.06 -20.28
CA TYR A 189 33.22 -18.96 -19.74
C TYR A 189 31.80 -19.42 -19.42
N THR A 190 31.33 -19.06 -18.24
CA THR A 190 29.94 -19.33 -17.90
C THR A 190 29.19 -18.02 -17.69
N MET A 191 28.15 -17.79 -18.49
CA MET A 191 27.40 -16.55 -18.37
C MET A 191 26.60 -16.54 -17.08
N THR A 192 26.99 -15.63 -16.19
CA THR A 192 26.45 -15.57 -14.84
C THR A 192 25.19 -14.70 -14.84
N PRO A 193 24.26 -14.97 -13.91
CA PRO A 193 23.04 -14.15 -13.80
C PRO A 193 23.33 -12.66 -13.61
N GLU A 194 24.59 -12.30 -13.42
CA GLU A 194 25.01 -10.90 -13.27
C GLU A 194 25.30 -10.25 -14.64
N ASP A 195 25.89 -11.02 -15.56
CA ASP A 195 26.18 -10.52 -16.91
C ASP A 195 24.87 -10.39 -17.66
N VAL A 196 23.95 -11.31 -17.39
CA VAL A 196 22.65 -11.32 -18.04
C VAL A 196 21.81 -10.12 -17.63
N ASP A 197 21.88 -9.77 -16.35
CA ASP A 197 21.16 -8.61 -15.81
C ASP A 197 21.71 -7.32 -16.40
N LEU A 198 22.97 -7.31 -16.80
CA LEU A 198 23.54 -6.17 -17.50
C LEU A 198 22.96 -5.98 -18.91
N THR A 199 22.67 -7.07 -19.62
CA THR A 199 22.21 -6.94 -20.98
C THR A 199 20.75 -6.45 -21.08
N LEU A 200 19.97 -6.71 -20.04
CA LEU A 200 18.56 -6.31 -19.99
C LEU A 200 18.45 -4.83 -19.69
N ASN A 201 19.34 -4.36 -18.82
CA ASN A 201 19.39 -2.96 -18.42
C ASN A 201 20.27 -2.08 -19.28
N TRP A 202 20.69 -2.57 -20.45
CA TRP A 202 21.53 -1.76 -21.34
C TRP A 202 20.96 -0.35 -21.64
N GLY A 203 19.75 -0.28 -22.22
CA GLY A 203 19.15 0.99 -22.58
C GLY A 203 18.98 1.95 -21.41
N ARG A 204 18.67 1.39 -20.25
CA ARG A 204 18.44 2.21 -19.08
C ARG A 204 19.74 2.84 -18.60
N ILE A 205 20.80 2.05 -18.64
CA ILE A 205 22.14 2.53 -18.27
C ILE A 205 22.56 3.62 -19.23
N SER A 206 22.19 3.46 -20.49
CA SER A 206 22.58 4.38 -21.52
C SER A 206 22.02 5.77 -21.27
N ASN A 207 20.82 5.84 -20.70
CA ASN A 207 20.12 7.10 -20.56
C ASN A 207 20.69 7.89 -19.38
N VAL A 208 21.21 7.14 -18.42
CA VAL A 208 21.74 7.69 -17.19
C VAL A 208 23.19 8.21 -17.33
N LEU A 209 24.10 7.36 -17.80
CA LEU A 209 25.53 7.68 -17.80
C LEU A 209 25.99 9.03 -18.40
N PRO A 210 25.32 9.54 -19.47
CA PRO A 210 25.69 10.87 -19.98
C PRO A 210 25.65 11.98 -18.93
N GLU A 211 24.81 11.84 -17.91
CA GLU A 211 24.62 12.91 -16.92
C GLU A 211 25.53 12.75 -15.70
N TYR A 212 26.28 11.66 -15.66
CA TYR A 212 27.27 11.45 -14.62
C TYR A 212 28.34 12.55 -14.64
N ARG A 213 28.81 12.97 -13.44
CA ARG A 213 29.90 13.95 -13.28
C ARG A 213 30.75 13.68 -12.00
N GLY A 214 31.54 12.61 -12.00
CA GLY A 214 32.41 12.28 -10.88
C GLY A 214 31.67 12.06 -9.56
N GLU A 215 30.45 11.55 -9.67
CA GLU A 215 29.49 11.46 -8.56
C GLU A 215 29.67 10.26 -7.64
N ALA A 216 30.88 9.76 -7.43
CA ALA A 216 31.06 8.55 -6.64
C ALA A 216 30.24 7.36 -7.20
N GLY A 217 29.00 7.19 -6.71
CA GLY A 217 28.16 6.10 -7.15
C GLY A 217 27.16 6.36 -8.28
N VAL A 218 26.67 5.27 -8.88
CA VAL A 218 25.59 5.34 -9.85
C VAL A 218 24.63 4.20 -9.62
N ARG A 219 23.34 4.51 -9.68
CA ARG A 219 22.32 3.55 -9.30
C ARG A 219 21.21 3.50 -10.36
N VAL A 220 21.12 2.40 -11.09
CA VAL A 220 20.09 2.26 -12.10
C VAL A 220 19.52 0.84 -12.06
N GLY A 221 18.27 0.75 -11.67
CA GLY A 221 17.58 -0.52 -11.56
C GLY A 221 18.17 -1.35 -10.46
N ARG A 222 18.45 -2.62 -10.78
CA ARG A 222 19.02 -3.53 -9.79
C ARG A 222 20.56 -3.46 -9.80
N ILE A 223 21.10 -2.51 -10.55
CA ILE A 223 22.54 -2.44 -10.78
C ILE A 223 23.20 -1.27 -10.06
N SER A 224 24.33 -1.54 -9.43
CA SER A 224 25.06 -0.51 -8.72
C SER A 224 26.49 -0.41 -9.22
N PHE A 225 26.99 0.81 -9.24
CA PHE A 225 28.34 1.12 -9.64
C PHE A 225 28.97 1.99 -8.56
N ASN A 226 29.81 1.40 -7.72
CA ASN A 226 30.36 2.10 -6.55
C ASN A 226 31.30 3.28 -6.81
N ASN A 227 32.01 3.26 -7.94
CA ASN A 227 32.91 4.36 -8.32
C ASN A 227 33.10 4.47 -9.84
N ILE A 228 33.91 5.44 -10.29
CA ILE A 228 34.15 5.65 -11.71
C ILE A 228 34.81 4.43 -12.36
N SER A 229 35.54 3.66 -11.56
CA SER A 229 36.28 2.51 -12.10
C SER A 229 35.52 1.19 -11.96
N ALA A 230 34.24 1.26 -11.59
CA ALA A 230 33.36 0.10 -11.69
C ALA A 230 32.40 0.28 -12.87
N ILE A 231 32.14 1.54 -13.22
CA ILE A 231 31.48 1.82 -14.48
C ILE A 231 32.45 1.36 -15.54
N LEU A 232 33.62 2.00 -15.56
CA LEU A 232 34.66 1.76 -16.56
C LEU A 232 34.99 0.28 -16.79
N GLY A 233 34.95 -0.52 -15.73
CA GLY A 233 35.25 -1.93 -15.82
C GLY A 233 34.07 -2.83 -16.15
N THR A 234 32.95 -2.22 -16.53
CA THR A 234 31.73 -2.96 -16.81
C THR A 234 31.11 -2.58 -18.14
N VAL A 235 30.94 -1.29 -18.36
CA VAL A 235 30.28 -0.81 -19.55
C VAL A 235 31.34 -0.24 -20.49
N ALA A 236 31.19 -0.48 -21.80
CA ALA A 236 32.16 -0.01 -22.77
C ALA A 236 31.54 0.95 -23.80
N VAL A 237 30.42 0.54 -24.41
CA VAL A 237 29.71 1.43 -25.32
C VAL A 237 28.21 1.40 -24.99
N ILE A 238 27.54 2.54 -25.13
CA ILE A 238 26.12 2.67 -24.80
C ILE A 238 25.30 3.27 -25.94
N LEU A 239 24.00 2.99 -25.93
CA LEU A 239 23.06 3.57 -26.87
C LEU A 239 23.17 5.10 -26.92
N ASN A 240 22.66 5.71 -27.99
CA ASN A 240 22.60 7.17 -28.09
C ASN A 240 21.20 7.75 -27.82
N CYS A 241 21.13 8.62 -26.82
CA CYS A 241 19.86 9.16 -26.34
C CYS A 241 19.73 10.65 -26.66
N HIS A 242 19.52 10.96 -27.93
CA HIS A 242 19.48 12.32 -28.43
C HIS A 242 18.96 12.37 -29.86
N GLU A 259 15.98 0.10 -26.73
CA GLU A 259 15.45 1.46 -26.80
C GLU A 259 15.73 2.30 -25.54
N CYS A 260 15.56 3.61 -25.69
CA CYS A 260 16.13 4.55 -24.75
C CYS A 260 15.26 4.92 -23.55
N GLN A 261 14.09 5.53 -23.80
CA GLN A 261 13.28 6.06 -22.70
C GLN A 261 12.04 5.22 -22.38
N ILE A 262 11.93 4.82 -21.11
CA ILE A 262 10.78 4.03 -20.64
C ILE A 262 9.48 4.88 -20.49
N THR A 263 9.48 5.90 -19.64
CA THR A 263 8.28 6.72 -19.42
C THR A 263 8.58 8.19 -19.12
N GLY A 264 9.82 8.51 -18.80
CA GLY A 264 10.09 9.82 -18.23
C GLY A 264 10.42 10.94 -19.20
N ASP A 265 10.76 12.07 -18.62
CA ASP A 265 11.47 13.12 -19.32
C ASP A 265 12.64 13.60 -18.43
N ARG A 266 12.66 13.12 -17.20
CA ARG A 266 13.81 13.34 -16.32
C ARG A 266 14.62 12.05 -16.32
N PRO A 267 15.87 12.12 -16.77
CA PRO A 267 16.72 10.94 -16.90
C PRO A 267 17.28 10.54 -15.56
N VAL A 268 17.56 11.53 -14.72
CA VAL A 268 18.40 11.33 -13.54
C VAL A 268 18.05 12.23 -12.34
N ILE A 269 18.28 11.72 -11.12
CA ILE A 269 18.19 12.51 -9.90
C ILE A 269 19.46 12.32 -9.05
N LYS A 270 20.04 13.41 -8.56
CA LYS A 270 21.21 13.28 -7.69
C LYS A 270 20.78 13.27 -6.23
N ILE A 271 20.92 12.11 -5.59
CA ILE A 271 20.48 11.94 -4.21
C ILE A 271 21.66 11.61 -3.35
N THR A 272 21.96 12.51 -2.41
CA THR A 272 23.22 12.49 -1.66
C THR A 272 24.38 12.70 -2.66
N ASN A 273 25.26 11.73 -2.80
CA ASN A 273 26.29 11.84 -3.81
C ASN A 273 26.18 10.61 -4.71
N THR A 274 24.95 10.28 -5.10
CA THR A 274 24.70 9.13 -5.95
C THR A 274 23.77 9.55 -7.08
N LEU A 275 24.03 9.05 -8.28
CA LEU A 275 23.20 9.37 -9.41
C LEU A 275 22.20 8.23 -9.62
N TRP A 276 20.92 8.51 -9.40
CA TRP A 276 19.88 7.49 -9.55
C TRP A 276 19.17 7.68 -10.86
N GLU A 277 18.79 6.57 -11.50
CA GLU A 277 17.81 6.65 -12.57
C GLU A 277 16.53 7.13 -11.90
N SER A 278 16.01 8.26 -12.37
CA SER A 278 14.81 8.84 -11.79
C SER A 278 13.66 8.12 -12.42
N ASN A 279 13.15 7.11 -11.71
CA ASN A 279 12.23 6.13 -12.26
C ASN A 279 12.41 4.96 -11.34
N THR A 280 13.66 4.70 -10.98
CA THR A 280 13.94 3.72 -9.95
C THR A 280 13.67 4.35 -8.61
N ALA A 281 14.13 5.59 -8.44
CA ALA A 281 13.78 6.38 -7.27
C ALA A 281 12.25 6.57 -7.19
N ALA A 282 11.60 6.94 -8.30
CA ALA A 282 10.16 7.18 -8.24
C ALA A 282 9.38 5.94 -7.82
N ALA A 283 9.94 4.76 -8.11
CA ALA A 283 9.26 3.48 -7.89
C ALA A 283 9.38 2.94 -6.47
N PHE A 284 10.05 3.69 -5.59
CA PHE A 284 9.95 3.46 -4.15
C PHE A 284 9.63 4.74 -3.36
N LEU A 285 9.20 5.79 -4.06
CA LEU A 285 8.70 7.01 -3.43
C LEU A 285 7.21 7.28 -3.77
N ASN A 286 6.50 6.21 -4.13
CA ASN A 286 5.09 6.29 -4.45
C ASN A 286 4.23 5.43 -3.51
N ARG A 287 4.76 5.11 -2.33
CA ARG A 287 4.02 4.30 -1.40
C ARG A 287 3.09 5.17 -0.53
N LYS A 288 1.90 4.64 -0.20
CA LYS A 288 1.00 5.33 0.71
C LYS A 288 1.54 5.32 2.13
N SER A 289 0.88 6.07 3.01
CA SER A 289 1.31 6.29 4.40
C SER A 289 1.89 5.09 5.14
N GLN A 290 1.10 4.02 5.23
CA GLN A 290 1.50 2.69 5.75
C GLN A 290 0.59 2.28 6.88
N SER A 291 0.32 3.19 7.79
CA SER A 291 -0.80 3.01 8.67
C SER A 291 -2.09 2.79 7.86
N LEU A 292 -2.11 3.30 6.62
CA LEU A 292 -3.29 3.14 5.77
C LEU A 292 -3.61 1.69 5.40
N TYR A 293 -2.66 0.77 5.57
CA TYR A 293 -3.00 -0.64 5.35
C TYR A 293 -4.00 -1.16 6.41
N THR A 294 -4.02 -0.58 7.60
CA THR A 294 -4.92 -1.08 8.64
C THR A 294 -6.39 -0.88 8.29
N THR A 295 -6.65 -0.08 7.28
CA THR A 295 -8.01 0.18 6.86
C THR A 295 -8.55 -0.88 5.86
N GLY A 296 -7.98 -2.08 5.84
CA GLY A 296 -8.46 -3.15 4.98
C GLY A 296 -9.62 -3.98 5.52
N ALA B 1 -4.88 -18.76 -15.33
CA ALA B 1 -4.51 -18.66 -16.74
C ALA B 1 -3.62 -17.44 -17.02
N ASP B 2 -2.54 -17.62 -17.79
CA ASP B 2 -1.64 -16.50 -18.09
C ASP B 2 -2.20 -15.65 -19.25
N CYS B 3 -2.79 -14.50 -18.92
CA CYS B 3 -3.61 -13.73 -19.86
C CYS B 3 -2.83 -12.79 -20.76
N ALA B 4 -1.83 -12.11 -20.19
CA ALA B 4 -0.99 -11.22 -20.96
C ALA B 4 0.31 -11.15 -20.23
N LYS B 5 1.39 -11.24 -20.97
CA LYS B 5 2.74 -11.12 -20.39
C LYS B 5 3.45 -10.06 -21.20
N GLY B 6 4.09 -9.12 -20.51
CA GLY B 6 4.64 -7.97 -21.18
C GLY B 6 4.81 -6.81 -20.22
N LYS B 7 5.28 -5.68 -20.73
CA LYS B 7 5.39 -4.51 -19.88
C LYS B 7 4.17 -3.65 -20.02
N ILE B 8 3.85 -2.95 -18.95
CA ILE B 8 2.69 -2.07 -18.87
C ILE B 8 2.79 -0.90 -19.84
N GLU B 9 1.95 -0.93 -20.86
CA GLU B 9 1.88 0.15 -21.82
C GLU B 9 1.32 1.46 -21.22
N PHE B 10 0.27 1.35 -20.41
CA PHE B 10 -0.26 2.49 -19.61
C PHE B 10 -0.99 2.07 -18.33
N SER B 11 -1.18 3.02 -17.42
CA SER B 11 -1.99 2.80 -16.22
C SER B 11 -3.18 3.75 -16.21
N LYS B 12 -4.25 3.37 -15.52
CA LYS B 12 -5.37 4.29 -15.34
C LYS B 12 -5.98 4.11 -13.95
N TYR B 13 -6.13 5.21 -13.23
CA TYR B 13 -6.89 5.20 -12.00
C TYR B 13 -8.32 5.61 -12.34
N ASN B 14 -9.29 4.80 -11.93
CA ASN B 14 -10.69 4.94 -12.36
C ASN B 14 -11.58 5.59 -11.31
N GLU B 15 -12.74 6.10 -11.73
CA GLU B 15 -13.61 6.78 -10.78
C GLU B 15 -14.15 5.87 -9.67
N ASP B 16 -14.25 4.57 -9.94
CA ASP B 16 -14.75 3.63 -8.95
C ASP B 16 -13.67 3.11 -7.99
N ASN B 17 -12.50 3.71 -8.05
CA ASN B 17 -11.34 3.32 -7.25
C ASN B 17 -10.79 1.93 -7.62
N THR B 18 -10.77 1.65 -8.92
CA THR B 18 -10.09 0.48 -9.44
C THR B 18 -8.98 0.95 -10.35
N PHE B 19 -7.96 0.10 -10.53
CA PHE B 19 -6.79 0.49 -11.27
C PHE B 19 -6.79 -0.34 -12.53
N THR B 20 -6.62 0.35 -13.66
CA THR B 20 -6.54 -0.29 -14.99
C THR B 20 -5.13 -0.27 -15.58
N VAL B 21 -4.75 -1.35 -16.26
CA VAL B 21 -3.39 -1.49 -16.75
C VAL B 21 -3.47 -2.10 -18.15
N LYS B 22 -2.67 -1.63 -19.10
CA LYS B 22 -2.65 -2.20 -20.46
C LYS B 22 -1.41 -3.08 -20.72
N VAL B 23 -1.64 -4.36 -20.99
CA VAL B 23 -0.55 -5.31 -21.17
C VAL B 23 -0.81 -6.07 -22.46
N SER B 24 0.24 -6.34 -23.22
CA SER B 24 0.08 -6.89 -24.57
C SER B 24 -0.85 -5.95 -25.28
N GLY B 25 -1.93 -6.46 -25.86
CA GLY B 25 -2.81 -5.55 -26.56
C GLY B 25 -4.08 -5.13 -25.80
N ARG B 26 -4.16 -5.50 -24.53
CA ARG B 26 -5.45 -5.63 -23.88
C ARG B 26 -5.50 -4.97 -22.50
N GLU B 27 -6.59 -4.26 -22.21
CA GLU B 27 -6.79 -3.64 -20.90
C GLU B 27 -7.32 -4.63 -19.85
N TYR B 28 -6.86 -4.46 -18.62
CA TYR B 28 -7.29 -5.27 -17.49
C TYR B 28 -7.42 -4.35 -16.28
N TRP B 29 -8.38 -4.67 -15.39
CA TRP B 29 -8.56 -3.88 -14.17
C TRP B 29 -8.46 -4.73 -12.92
N THR B 30 -8.01 -4.13 -11.82
CA THR B 30 -8.06 -4.78 -10.53
C THR B 30 -8.77 -3.89 -9.52
N ASN B 31 -9.50 -4.49 -8.58
CA ASN B 31 -10.18 -3.70 -7.57
C ASN B 31 -9.42 -3.70 -6.27
N ARG B 32 -8.24 -4.31 -6.30
CA ARG B 32 -7.35 -4.38 -5.14
C ARG B 32 -6.48 -3.13 -5.07
N TRP B 33 -6.58 -2.35 -4.00
CA TRP B 33 -5.79 -1.13 -3.93
C TRP B 33 -4.35 -1.44 -3.62
N ASN B 34 -4.10 -2.58 -2.97
CA ASN B 34 -2.72 -2.96 -2.70
C ASN B 34 -1.87 -2.99 -3.94
N LEU B 35 -2.49 -3.37 -5.05
CA LEU B 35 -1.77 -3.51 -6.30
C LEU B 35 -1.44 -2.19 -6.97
N GLN B 36 -2.07 -1.09 -6.57
CA GLN B 36 -1.81 0.17 -7.28
C GLN B 36 -0.35 0.67 -7.25
N PRO B 37 0.25 0.84 -6.06
CA PRO B 37 1.67 1.19 -6.08
C PRO B 37 2.53 0.11 -6.75
N LEU B 38 2.19 -1.16 -6.55
CA LEU B 38 3.01 -2.24 -7.09
C LEU B 38 3.03 -2.23 -8.62
N LEU B 39 1.88 -1.96 -9.24
CA LEU B 39 1.80 -1.85 -10.68
C LEU B 39 2.42 -0.57 -11.19
N GLN B 40 2.19 0.57 -10.54
CA GLN B 40 2.85 1.79 -11.01
C GLN B 40 4.36 1.63 -10.99
N SER B 41 4.87 0.86 -10.03
CA SER B 41 6.30 0.65 -9.94
C SER B 41 6.82 -0.21 -11.09
N ALA B 42 6.05 -1.23 -11.48
CA ALA B 42 6.44 -2.10 -12.59
C ALA B 42 6.38 -1.32 -13.89
N GLN B 43 5.46 -0.37 -13.98
CA GLN B 43 5.37 0.46 -15.17
C GLN B 43 6.57 1.42 -15.28
N LEU B 44 7.02 1.90 -14.12
CA LEU B 44 8.09 2.90 -14.06
C LEU B 44 9.44 2.30 -14.43
N THR B 45 9.63 1.04 -14.06
CA THR B 45 10.91 0.39 -14.24
C THR B 45 10.93 -0.69 -15.35
N GLY B 46 9.91 -0.66 -16.23
CA GLY B 46 9.83 -1.56 -17.36
C GLY B 46 9.87 -3.05 -17.06
N MET B 47 9.33 -3.41 -15.89
CA MET B 47 9.17 -4.81 -15.47
C MET B 47 8.29 -5.57 -16.44
N THR B 48 8.63 -6.82 -16.76
CA THR B 48 7.66 -7.66 -17.48
C THR B 48 6.68 -8.19 -16.46
N VAL B 49 5.45 -7.74 -16.62
CA VAL B 49 4.35 -8.00 -15.72
C VAL B 49 3.53 -9.13 -16.35
N THR B 50 3.15 -10.13 -15.58
CA THR B 50 2.25 -11.14 -16.14
C THR B 50 0.92 -11.29 -15.38
N ILE B 51 -0.15 -10.98 -16.11
CA ILE B 51 -1.48 -10.77 -15.56
C ILE B 51 -2.30 -12.06 -15.58
N ILE B 52 -2.71 -12.53 -14.41
CA ILE B 52 -3.39 -13.83 -14.29
C ILE B 52 -4.84 -13.68 -13.87
N SER B 53 -5.74 -14.18 -14.72
CA SER B 53 -7.16 -14.15 -14.43
C SER B 53 -7.79 -15.47 -14.82
N ASN B 54 -9.05 -15.67 -14.47
CA ASN B 54 -9.79 -16.80 -15.00
C ASN B 54 -10.53 -16.40 -16.28
N THR B 55 -10.57 -15.11 -16.54
CA THR B 55 -11.20 -14.57 -17.75
C THR B 55 -10.22 -13.62 -18.44
N CYS B 56 -9.94 -13.86 -19.72
CA CYS B 56 -8.77 -13.26 -20.40
C CYS B 56 -9.02 -12.16 -21.43
N SER B 57 -10.26 -12.04 -21.88
CA SER B 57 -10.61 -10.99 -22.84
C SER B 57 -10.27 -9.61 -22.29
N SER B 58 -10.01 -8.66 -23.18
CA SER B 58 -9.82 -7.28 -22.76
C SER B 58 -11.07 -6.77 -22.05
N GLY B 59 -10.88 -6.08 -20.92
CA GLY B 59 -11.99 -5.62 -20.09
C GLY B 59 -12.25 -6.53 -18.90
N SER B 60 -11.45 -7.58 -18.73
CA SER B 60 -11.60 -8.47 -17.58
C SER B 60 -10.87 -7.94 -16.35
N GLY B 61 -11.22 -8.47 -15.18
CA GLY B 61 -10.60 -8.07 -13.94
C GLY B 61 -9.61 -9.13 -13.52
N PHE B 62 -8.59 -8.72 -12.78
CA PHE B 62 -7.58 -9.64 -12.25
C PHE B 62 -7.28 -9.29 -10.81
N ALA B 63 -6.75 -10.24 -10.07
CA ALA B 63 -6.28 -9.94 -8.74
C ALA B 63 -5.02 -10.74 -8.50
N GLN B 64 -4.29 -11.04 -9.57
CA GLN B 64 -3.09 -11.86 -9.44
C GLN B 64 -2.11 -11.54 -10.54
N VAL B 65 -0.88 -11.17 -10.15
CA VAL B 65 0.13 -10.66 -11.09
C VAL B 65 1.48 -11.17 -10.73
N LYS B 66 2.27 -11.51 -11.74
CA LYS B 66 3.66 -11.86 -11.51
C LYS B 66 4.55 -10.72 -11.99
N PHE B 67 5.51 -10.35 -11.15
CA PHE B 67 6.46 -9.31 -11.50
C PHE B 67 7.84 -9.93 -11.78
N ASN B 68 8.36 -9.75 -12.99
CA ASN B 68 9.68 -10.28 -13.34
C ASN B 68 10.78 -9.21 -13.37
N ALA C 1 14.74 -19.83 11.63
CA ALA C 1 15.90 -20.21 10.84
C ALA C 1 16.05 -19.28 9.65
N ASP C 2 17.26 -19.10 9.16
CA ASP C 2 17.47 -18.44 7.86
C ASP C 2 17.19 -19.43 6.71
N CYS C 3 16.28 -19.08 5.82
CA CYS C 3 15.78 -20.03 4.84
C CYS C 3 16.29 -19.82 3.43
N ALA C 4 16.52 -18.58 3.07
CA ALA C 4 16.98 -18.26 1.74
C ALA C 4 17.59 -16.91 1.83
N LYS C 5 18.60 -16.66 0.99
CA LYS C 5 19.26 -15.37 0.98
C LYS C 5 19.69 -15.14 -0.42
N GLY C 6 19.58 -13.89 -0.85
CA GLY C 6 19.80 -13.59 -2.25
C GLY C 6 18.86 -12.50 -2.70
N LYS C 7 18.83 -12.26 -3.99
CA LYS C 7 17.98 -11.24 -4.56
C LYS C 7 16.62 -11.85 -4.85
N ILE C 8 15.59 -11.01 -4.94
CA ILE C 8 14.27 -11.50 -5.26
C ILE C 8 14.22 -11.79 -6.76
N GLU C 9 13.96 -13.05 -7.12
CA GLU C 9 13.94 -13.43 -8.53
C GLU C 9 12.69 -12.91 -9.22
N PHE C 10 11.54 -13.32 -8.72
CA PHE C 10 10.26 -12.70 -9.10
C PHE C 10 9.46 -12.46 -7.85
N SER C 11 8.34 -11.79 -8.01
CA SER C 11 7.37 -11.63 -6.95
C SER C 11 5.98 -11.77 -7.60
N LYS C 12 4.98 -12.12 -6.79
CA LYS C 12 3.66 -12.43 -7.31
C LYS C 12 2.64 -11.94 -6.31
N TYR C 13 1.67 -11.14 -6.78
CA TYR C 13 0.51 -10.76 -5.97
C TYR C 13 -0.60 -11.80 -6.14
N ASN C 14 -1.08 -12.35 -5.03
CA ASN C 14 -1.99 -13.49 -5.06
C ASN C 14 -3.42 -13.09 -4.82
N GLU C 15 -4.35 -13.94 -5.23
CA GLU C 15 -5.78 -13.61 -5.12
C GLU C 15 -6.33 -13.54 -3.68
N ASP C 16 -5.65 -14.18 -2.73
CA ASP C 16 -6.01 -14.06 -1.30
C ASP C 16 -5.34 -12.87 -0.61
N ASN C 17 -4.80 -11.97 -1.41
CA ASN C 17 -4.11 -10.75 -0.97
C ASN C 17 -2.71 -10.93 -0.38
N THR C 18 -2.18 -12.13 -0.46
CA THR C 18 -0.83 -12.39 -0.01
C THR C 18 0.20 -12.18 -1.12
N PHE C 19 1.45 -12.17 -0.73
CA PHE C 19 2.52 -11.78 -1.62
C PHE C 19 3.58 -12.88 -1.60
N THR C 20 3.86 -13.44 -2.78
CA THR C 20 4.86 -14.49 -2.93
C THR C 20 6.15 -13.94 -3.49
N VAL C 21 7.26 -14.32 -2.87
CA VAL C 21 8.58 -13.84 -3.29
C VAL C 21 9.49 -15.04 -3.59
N LYS C 22 10.42 -14.91 -4.53
CA LYS C 22 11.33 -16.03 -4.82
C LYS C 22 12.82 -15.73 -4.60
N VAL C 23 13.37 -16.33 -3.56
CA VAL C 23 14.73 -16.05 -3.15
C VAL C 23 15.50 -17.34 -3.21
N SER C 24 16.74 -17.26 -3.68
CA SER C 24 17.45 -18.42 -4.20
C SER C 24 16.53 -19.03 -5.27
N GLY C 25 16.34 -20.35 -5.26
CA GLY C 25 15.46 -20.96 -6.24
C GLY C 25 14.17 -21.48 -5.63
N ARG C 26 13.87 -21.01 -4.42
CA ARG C 26 12.71 -21.44 -3.64
C ARG C 26 11.69 -20.32 -3.44
N GLU C 27 10.41 -20.70 -3.33
CA GLU C 27 9.29 -19.73 -3.22
C GLU C 27 8.76 -19.51 -1.78
N TYR C 28 8.54 -18.27 -1.41
CA TYR C 28 7.96 -17.98 -0.10
C TYR C 28 6.84 -16.93 -0.23
N TRP C 29 5.84 -17.00 0.65
CA TRP C 29 4.75 -16.02 0.61
C TRP C 29 4.55 -15.39 1.98
N THR C 30 4.01 -14.18 2.03
CA THR C 30 3.68 -13.58 3.31
C THR C 30 2.23 -13.05 3.36
N ASN C 31 1.62 -13.00 4.55
CA ASN C 31 0.29 -12.41 4.65
C ASN C 31 0.32 -10.95 5.09
N ARG C 32 1.50 -10.49 5.50
CA ARG C 32 1.68 -9.13 5.96
C ARG C 32 1.62 -8.10 4.84
N TRP C 33 0.53 -7.36 4.77
CA TRP C 33 0.40 -6.30 3.78
C TRP C 33 1.55 -5.28 3.83
N ASN C 34 2.02 -4.94 5.03
CA ASN C 34 3.20 -4.07 5.16
C ASN C 34 4.43 -4.49 4.37
N LEU C 35 4.62 -5.80 4.26
CA LEU C 35 5.81 -6.31 3.59
C LEU C 35 5.73 -6.14 2.07
N GLN C 36 4.58 -5.78 1.53
CA GLN C 36 4.45 -5.72 0.07
C GLN C 36 5.28 -4.63 -0.57
N PRO C 37 5.08 -3.36 -0.20
CA PRO C 37 6.02 -2.40 -0.77
C PRO C 37 7.48 -2.62 -0.32
N LEU C 38 7.74 -3.03 0.91
CA LEU C 38 9.12 -3.22 1.35
C LEU C 38 9.86 -4.26 0.45
N LEU C 39 9.26 -5.42 0.26
CA LEU C 39 9.82 -6.42 -0.61
C LEU C 39 9.94 -5.95 -2.06
N GLN C 40 8.89 -5.37 -2.64
CA GLN C 40 8.97 -4.97 -4.04
C GLN C 40 10.03 -3.91 -4.26
N SER C 41 10.21 -3.02 -3.30
CA SER C 41 11.31 -2.08 -3.39
C SER C 41 12.64 -2.81 -3.35
N ALA C 42 12.77 -3.85 -2.55
CA ALA C 42 14.02 -4.60 -2.49
C ALA C 42 14.22 -5.30 -3.81
N GLN C 43 13.14 -5.70 -4.48
CA GLN C 43 13.28 -6.31 -5.80
C GLN C 43 13.69 -5.32 -6.88
N LEU C 44 12.97 -4.20 -6.94
CA LEU C 44 13.26 -3.09 -7.84
C LEU C 44 14.67 -2.61 -7.84
N THR C 45 15.30 -2.65 -6.67
CA THR C 45 16.59 -2.01 -6.49
C THR C 45 17.70 -2.98 -6.23
N GLY C 46 17.42 -4.28 -6.35
CA GLY C 46 18.46 -5.29 -6.22
C GLY C 46 19.04 -5.38 -4.82
N MET C 47 18.19 -5.21 -3.83
CA MET C 47 18.58 -5.35 -2.46
C MET C 47 18.73 -6.83 -2.13
N THR C 48 19.58 -7.15 -1.16
CA THR C 48 19.69 -8.54 -0.74
C THR C 48 18.76 -8.83 0.43
N VAL C 49 17.85 -9.74 0.16
CA VAL C 49 16.77 -10.10 1.05
C VAL C 49 17.12 -11.44 1.68
N THR C 50 17.02 -11.57 2.99
CA THR C 50 17.10 -12.91 3.57
C THR C 50 15.79 -13.25 4.30
N ILE C 51 15.10 -14.29 3.81
CA ILE C 51 13.81 -14.73 4.32
C ILE C 51 14.02 -15.53 5.59
N ILE C 52 13.20 -15.29 6.60
CA ILE C 52 13.34 -15.91 7.92
C ILE C 52 12.02 -16.54 8.39
N SER C 53 12.06 -17.76 8.86
CA SER C 53 10.84 -18.51 9.10
C SER C 53 11.12 -19.75 9.94
N ASN C 54 10.09 -20.52 10.28
CA ASN C 54 10.30 -21.76 11.02
C ASN C 54 10.26 -22.97 10.11
N THR C 55 9.46 -22.89 9.06
CA THR C 55 9.44 -23.91 8.02
C THR C 55 10.14 -23.31 6.81
N CYS C 56 11.14 -24.03 6.27
CA CYS C 56 12.03 -23.47 5.25
C CYS C 56 11.85 -23.98 3.82
N SER C 57 10.95 -24.94 3.63
CA SER C 57 10.72 -25.53 2.31
C SER C 57 10.01 -24.60 1.34
N SER C 58 10.29 -24.73 0.07
CA SER C 58 9.55 -23.96 -0.93
C SER C 58 8.02 -24.10 -0.76
N GLY C 59 7.31 -22.98 -0.89
CA GLY C 59 5.88 -22.91 -0.61
C GLY C 59 5.55 -22.56 0.84
N SER C 60 6.56 -22.20 1.64
CA SER C 60 6.35 -21.84 3.05
C SER C 60 6.07 -20.36 3.27
N GLY C 61 5.50 -20.04 4.43
CA GLY C 61 5.15 -18.68 4.73
C GLY C 61 6.21 -18.03 5.58
N PHE C 62 6.25 -16.71 5.54
CA PHE C 62 7.17 -15.97 6.38
C PHE C 62 6.54 -14.65 6.89
N ALA C 63 7.18 -14.04 7.88
CA ALA C 63 6.81 -12.70 8.28
C ALA C 63 7.97 -12.06 8.99
N GLN C 64 9.18 -12.46 8.59
CA GLN C 64 10.42 -11.89 9.07
C GLN C 64 11.37 -11.81 7.89
N VAL C 65 11.90 -10.61 7.59
CA VAL C 65 12.84 -10.44 6.50
C VAL C 65 13.95 -9.48 6.89
N LYS C 66 15.20 -9.82 6.55
CA LYS C 66 16.34 -8.90 6.71
C LYS C 66 16.58 -8.22 5.37
N PHE C 67 16.76 -6.91 5.36
CA PHE C 67 17.04 -6.20 4.12
C PHE C 67 18.45 -5.60 4.15
N ASN C 68 19.34 -5.98 3.23
CA ASN C 68 20.68 -5.34 3.16
C ASN C 68 20.87 -4.33 2.02
N ALA D 1 17.56 11.94 23.68
CA ALA D 1 18.96 11.58 23.46
C ALA D 1 19.21 11.08 22.06
N ASP D 2 20.16 11.69 21.35
CA ASP D 2 20.65 11.13 20.09
C ASP D 2 21.40 9.84 20.38
N CYS D 3 20.89 8.72 19.88
CA CYS D 3 21.43 7.42 20.24
C CYS D 3 22.45 6.87 19.25
N ALA D 4 22.23 7.18 17.98
CA ALA D 4 23.07 6.65 16.94
C ALA D 4 22.86 7.51 15.71
N LYS D 5 23.93 7.86 15.01
CA LYS D 5 23.84 8.65 13.81
C LYS D 5 24.61 7.90 12.75
N GLY D 6 24.06 7.86 11.55
CA GLY D 6 24.73 7.16 10.48
C GLY D 6 23.76 6.62 9.49
N LYS D 7 24.20 5.67 8.68
CA LYS D 7 23.39 5.18 7.58
C LYS D 7 22.86 3.83 8.00
N ILE D 8 21.73 3.44 7.46
CA ILE D 8 21.13 2.20 7.91
C ILE D 8 21.93 1.05 7.33
N GLU D 9 22.54 0.25 8.20
CA GLU D 9 23.37 -0.85 7.71
C GLU D 9 22.49 -2.00 7.22
N PHE D 10 21.56 -2.46 8.06
CA PHE D 10 20.48 -3.33 7.59
C PHE D 10 19.17 -2.99 8.26
N SER D 11 18.06 -3.45 7.69
CA SER D 11 16.79 -3.35 8.34
C SER D 11 16.11 -4.72 8.33
N LYS D 12 15.18 -4.92 9.26
CA LYS D 12 14.52 -6.21 9.42
C LYS D 12 13.04 -6.02 9.78
N TYR D 13 12.17 -6.70 9.05
CA TYR D 13 10.76 -6.73 9.43
C TYR D 13 10.60 -7.88 10.42
N ASN D 14 9.99 -7.59 11.56
CA ASN D 14 9.82 -8.59 12.59
C ASN D 14 8.42 -9.25 12.57
N GLU D 15 8.31 -10.41 13.19
CA GLU D 15 7.04 -11.13 13.20
C GLU D 15 5.92 -10.42 13.98
N ASP D 16 6.27 -9.57 14.95
CA ASP D 16 5.29 -8.77 15.69
C ASP D 16 4.94 -7.45 14.95
N ASN D 17 5.33 -7.36 13.69
CA ASN D 17 5.08 -6.19 12.83
C ASN D 17 5.87 -4.91 13.16
N THR D 18 6.88 -5.03 14.01
CA THR D 18 7.78 -3.92 14.28
C THR D 18 8.96 -4.01 13.33
N PHE D 19 9.70 -2.91 13.23
CA PHE D 19 10.74 -2.77 12.22
C PHE D 19 12.04 -2.44 12.88
N THR D 20 13.06 -3.25 12.61
CA THR D 20 14.37 -3.11 13.25
C THR D 20 15.36 -2.49 12.28
N VAL D 21 16.18 -1.59 12.79
CA VAL D 21 17.12 -0.88 11.95
C VAL D 21 18.49 -0.97 12.63
N LYS D 22 19.58 -0.96 11.86
CA LYS D 22 20.93 -0.98 12.44
C LYS D 22 21.78 0.24 12.08
N VAL D 23 22.11 1.05 13.07
CA VAL D 23 22.77 2.34 12.82
C VAL D 23 23.99 2.45 13.71
N SER D 24 25.05 3.10 13.22
CA SER D 24 26.39 2.98 13.79
C SER D 24 26.60 1.50 14.00
N GLY D 25 26.85 1.11 15.24
CA GLY D 25 27.04 -0.30 15.44
C GLY D 25 25.88 -1.01 16.09
N ARG D 26 24.85 -0.26 16.45
CA ARG D 26 23.78 -0.75 17.32
C ARG D 26 22.43 -1.01 16.62
N GLU D 27 21.61 -1.89 17.21
CA GLU D 27 20.29 -2.25 16.68
C GLU D 27 19.13 -1.63 17.42
N TYR D 28 18.20 -1.02 16.68
CA TYR D 28 17.02 -0.38 17.25
C TYR D 28 15.72 -0.77 16.53
N TRP D 29 14.62 -0.82 17.26
CA TRP D 29 13.36 -1.25 16.68
C TRP D 29 12.28 -0.21 16.95
N THR D 30 11.39 -0.02 15.99
CA THR D 30 10.29 0.88 16.20
C THR D 30 8.99 0.13 16.01
N ASN D 31 7.96 0.47 16.79
CA ASN D 31 6.65 -0.12 16.53
C ASN D 31 5.76 0.77 15.66
N ARG D 32 6.30 1.85 15.11
CA ARG D 32 5.50 2.76 14.33
C ARG D 32 5.50 2.36 12.87
N TRP D 33 4.37 1.85 12.39
CA TRP D 33 4.25 1.37 11.02
C TRP D 33 4.61 2.37 9.96
N ASN D 34 4.17 3.62 10.17
CA ASN D 34 4.48 4.70 9.24
C ASN D 34 5.95 4.80 8.94
N LEU D 35 6.77 4.37 9.88
CA LEU D 35 8.20 4.59 9.81
C LEU D 35 8.88 3.59 8.91
N GLN D 36 8.21 2.48 8.61
CA GLN D 36 8.85 1.41 7.84
C GLN D 36 9.27 1.86 6.43
N PRO D 37 8.33 2.28 5.56
CA PRO D 37 8.81 2.63 4.22
C PRO D 37 9.64 3.90 4.23
N LEU D 38 9.45 4.78 5.21
CA LEU D 38 10.33 5.96 5.31
C LEU D 38 11.78 5.55 5.67
N LEU D 39 11.94 4.53 6.53
CA LEU D 39 13.25 4.06 6.94
C LEU D 39 13.90 3.28 5.81
N GLN D 40 13.10 2.52 5.07
CA GLN D 40 13.60 1.86 3.87
C GLN D 40 14.07 2.81 2.77
N SER D 41 13.33 3.89 2.55
CA SER D 41 13.76 4.87 1.56
C SER D 41 15.09 5.45 1.99
N ALA D 42 15.31 5.58 3.29
CA ALA D 42 16.56 6.13 3.77
C ALA D 42 17.73 5.13 3.68
N GLN D 43 17.43 3.86 3.89
CA GLN D 43 18.47 2.86 3.80
C GLN D 43 19.02 2.77 2.39
N LEU D 44 18.11 2.73 1.40
CA LEU D 44 18.49 2.66 -0.01
C LEU D 44 19.34 3.86 -0.49
N THR D 45 18.94 5.06 -0.10
CA THR D 45 19.58 6.28 -0.58
C THR D 45 20.75 6.77 0.31
N GLY D 46 21.19 5.93 1.23
CA GLY D 46 22.25 6.29 2.16
C GLY D 46 22.06 7.60 2.93
N MET D 47 20.81 7.93 3.24
CA MET D 47 20.49 9.11 4.01
C MET D 47 21.07 8.92 5.39
N THR D 48 21.49 10.00 6.04
CA THR D 48 21.99 9.84 7.40
C THR D 48 20.88 10.04 8.44
N VAL D 49 20.64 8.97 9.14
CA VAL D 49 19.54 8.83 10.03
C VAL D 49 20.11 9.04 11.42
N THR D 50 19.47 9.85 12.26
CA THR D 50 19.83 9.83 13.67
C THR D 50 18.63 9.42 14.52
N ILE D 51 18.74 8.22 15.10
CA ILE D 51 17.76 7.64 16.01
C ILE D 51 17.73 8.34 17.38
N ILE D 52 16.54 8.79 17.76
CA ILE D 52 16.35 9.47 19.04
C ILE D 52 15.50 8.64 20.01
N SER D 53 15.99 8.48 21.24
CA SER D 53 15.29 7.63 22.21
C SER D 53 15.70 7.93 23.66
N ASN D 54 14.94 7.42 24.63
CA ASN D 54 15.29 7.67 26.02
C ASN D 54 16.31 6.66 26.51
N THR D 55 16.29 5.46 25.94
CA THR D 55 17.34 4.48 26.24
C THR D 55 18.13 4.09 24.98
N CYS D 56 19.45 4.28 25.05
CA CYS D 56 20.32 4.21 23.89
C CYS D 56 21.08 2.89 23.69
N SER D 57 20.86 1.93 24.56
CA SER D 57 21.53 0.64 24.40
C SER D 57 20.94 -0.16 23.25
N SER D 58 21.78 -0.97 22.61
CA SER D 58 21.34 -1.89 21.59
C SER D 58 20.07 -2.62 22.03
N GLY D 59 19.20 -2.95 21.07
CA GLY D 59 17.94 -3.64 21.34
C GLY D 59 16.90 -2.78 22.04
N SER D 60 17.08 -1.46 21.98
CA SER D 60 16.12 -0.53 22.56
C SER D 60 15.13 -0.01 21.52
N GLY D 61 13.95 0.39 21.96
CA GLY D 61 12.96 0.90 21.03
C GLY D 61 13.05 2.39 20.73
N PHE D 62 12.58 2.77 19.55
CA PHE D 62 12.51 4.17 19.23
C PHE D 62 11.20 4.53 18.54
N ALA D 63 10.84 5.81 18.63
CA ALA D 63 9.70 6.31 17.91
C ALA D 63 10.00 7.70 17.35
N GLN D 64 11.28 8.10 17.35
CA GLN D 64 11.68 9.41 16.83
C GLN D 64 12.98 9.32 16.02
N VAL D 65 12.99 9.84 14.79
CA VAL D 65 14.13 9.72 13.88
C VAL D 65 14.35 11.02 13.17
N LYS D 66 15.61 11.35 12.88
CA LYS D 66 15.89 12.52 12.09
C LYS D 66 16.53 12.10 10.78
N PHE D 67 16.03 12.60 9.66
CA PHE D 67 16.54 12.22 8.36
C PHE D 67 17.32 13.37 7.73
N ASN D 68 18.56 13.11 7.29
CA ASN D 68 19.35 14.10 6.54
C ASN D 68 19.68 13.69 5.10
N ALA E 1 -1.08 31.88 4.19
CA ALA E 1 0.13 32.67 3.93
C ALA E 1 1.32 31.76 3.64
N ASP E 2 2.23 32.18 2.75
CA ASP E 2 3.46 31.43 2.44
C ASP E 2 4.54 31.64 3.52
N CYS E 3 4.81 30.60 4.29
CA CYS E 3 5.65 30.69 5.49
C CYS E 3 7.14 30.49 5.23
N ALA E 4 7.46 29.68 4.23
CA ALA E 4 8.83 29.41 3.87
C ALA E 4 8.85 28.60 2.58
N LYS E 5 9.72 28.98 1.65
CA LYS E 5 9.84 28.30 0.37
C LYS E 5 11.32 27.93 0.25
N GLY E 6 11.59 26.67 -0.10
CA GLY E 6 12.95 26.18 -0.25
C GLY E 6 13.06 24.67 -0.29
N LYS E 7 14.28 24.16 -0.10
CA LYS E 7 14.48 22.72 -0.05
C LYS E 7 14.45 22.31 1.40
N ILE E 8 13.95 21.10 1.64
CA ILE E 8 13.90 20.55 2.99
C ILE E 8 15.32 20.23 3.49
N GLU E 9 15.77 20.95 4.51
CA GLU E 9 17.11 20.75 5.09
C GLU E 9 17.24 19.41 5.83
N PHE E 10 16.31 19.15 6.75
CA PHE E 10 16.19 17.86 7.41
C PHE E 10 14.72 17.61 7.68
N SER E 11 14.35 16.38 8.05
CA SER E 11 12.99 16.07 8.40
C SER E 11 13.01 15.14 9.62
N LYS E 12 11.90 15.04 10.34
CA LYS E 12 11.91 14.30 11.60
C LYS E 12 10.56 13.63 11.94
N TYR E 13 10.57 12.35 12.22
CA TYR E 13 9.34 11.70 12.63
C TYR E 13 9.25 11.82 14.15
N ASN E 14 8.15 12.33 14.64
CA ASN E 14 8.06 12.66 16.05
C ASN E 14 7.30 11.60 16.84
N GLU E 15 7.48 11.58 18.16
CA GLU E 15 6.90 10.51 18.96
C GLU E 15 5.34 10.55 19.04
N ASP E 16 4.75 11.72 18.86
CA ASP E 16 3.31 11.83 18.76
C ASP E 16 2.81 11.52 17.35
N ASN E 17 3.72 11.05 16.50
CA ASN E 17 3.45 10.68 15.10
C ASN E 17 3.26 11.86 14.13
N THR E 18 3.57 13.06 14.58
CA THR E 18 3.61 14.19 13.66
C THR E 18 4.94 14.19 12.88
N PHE E 19 5.05 15.05 11.87
CA PHE E 19 6.22 15.07 11.04
C PHE E 19 6.73 16.49 10.96
N THR E 20 7.93 16.73 11.49
CA THR E 20 8.53 18.05 11.46
C THR E 20 9.36 18.16 10.21
N VAL E 21 9.50 19.36 9.67
CA VAL E 21 10.28 19.60 8.47
C VAL E 21 11.00 20.94 8.61
N LYS E 22 12.22 21.06 8.12
CA LYS E 22 12.94 22.34 8.25
C LYS E 22 13.18 22.97 6.89
N VAL E 23 12.57 24.13 6.66
CA VAL E 23 12.58 24.77 5.36
C VAL E 23 12.89 26.24 5.54
N SER E 24 13.67 26.80 4.62
CA SER E 24 14.34 28.07 4.83
C SER E 24 15.14 27.89 6.12
N GLY E 25 14.93 28.76 7.10
CA GLY E 25 15.64 28.57 8.36
C GLY E 25 14.85 28.03 9.54
N ARG E 26 13.57 27.75 9.32
CA ARG E 26 12.60 27.55 10.39
C ARG E 26 11.99 26.14 10.38
N GLU E 27 11.61 25.63 11.55
CA GLU E 27 10.99 24.30 11.65
C GLU E 27 9.44 24.35 11.63
N TYR E 28 8.81 23.45 10.86
CA TYR E 28 7.35 23.36 10.82
C TYR E 28 6.90 21.90 10.92
N TRP E 29 5.80 21.65 11.61
CA TRP E 29 5.34 20.28 11.82
C TRP E 29 3.94 20.08 11.25
N THR E 30 3.59 18.83 10.93
CA THR E 30 2.27 18.53 10.45
C THR E 30 1.71 17.24 11.04
N ASN E 31 0.40 17.20 11.29
CA ASN E 31 -0.21 15.98 11.82
C ASN E 31 -0.71 15.05 10.72
N ARG E 32 -0.67 15.53 9.47
CA ARG E 32 -1.20 14.78 8.33
C ARG E 32 -0.36 13.57 7.97
N TRP E 33 -0.90 12.38 8.14
CA TRP E 33 -0.10 11.20 7.85
C TRP E 33 0.24 11.02 6.37
N ASN E 34 -0.65 11.42 5.45
CA ASN E 34 -0.38 11.35 4.01
C ASN E 34 0.83 12.17 3.58
N LEU E 35 1.10 13.24 4.30
CA LEU E 35 2.16 14.15 3.92
C LEU E 35 3.52 13.57 4.23
N GLN E 36 3.57 12.49 5.00
CA GLN E 36 4.86 11.97 5.42
C GLN E 36 5.70 11.39 4.28
N PRO E 37 5.16 10.45 3.50
CA PRO E 37 6.01 10.01 2.39
C PRO E 37 6.14 11.07 1.32
N LEU E 38 5.15 11.95 1.18
CA LEU E 38 5.23 13.03 0.20
C LEU E 38 6.37 13.98 0.51
N LEU E 39 6.61 14.26 1.78
CA LEU E 39 7.64 15.22 2.13
C LEU E 39 9.01 14.58 2.03
N GLN E 40 9.13 13.33 2.47
CA GLN E 40 10.41 12.67 2.42
C GLN E 40 10.83 12.49 0.97
N SER E 41 9.86 12.32 0.08
CA SER E 41 10.16 12.23 -1.33
C SER E 41 10.70 13.57 -1.78
N ALA E 42 10.00 14.64 -1.45
CA ALA E 42 10.41 15.98 -1.83
C ALA E 42 11.81 16.33 -1.30
N GLN E 43 12.18 15.73 -0.18
CA GLN E 43 13.48 15.98 0.40
C GLN E 43 14.53 15.28 -0.44
N LEU E 44 14.44 13.95 -0.49
CA LEU E 44 15.38 13.15 -1.27
C LEU E 44 15.59 13.68 -2.70
N THR E 45 14.52 14.10 -3.36
CA THR E 45 14.63 14.50 -4.77
C THR E 45 14.91 16.00 -4.95
N GLY E 46 15.10 16.71 -3.85
CA GLY E 46 15.37 18.12 -3.92
C GLY E 46 14.28 18.99 -4.52
N MET E 47 13.03 18.53 -4.46
CA MET E 47 11.86 19.33 -4.86
C MET E 47 11.84 20.64 -4.08
N THR E 48 11.36 21.71 -4.69
CA THR E 48 11.21 22.95 -3.94
C THR E 48 9.84 22.92 -3.31
N VAL E 49 9.85 23.03 -1.99
CA VAL E 49 8.68 22.84 -1.17
C VAL E 49 8.34 24.21 -0.61
N THR E 50 7.06 24.57 -0.64
CA THR E 50 6.66 25.80 0.02
C THR E 50 5.58 25.49 1.06
N ILE E 51 5.84 25.90 2.31
CA ILE E 51 4.92 25.62 3.41
C ILE E 51 3.89 26.72 3.60
N ILE E 52 2.63 26.35 3.76
CA ILE E 52 1.53 27.31 3.91
C ILE E 52 0.70 27.13 5.18
N SER E 53 0.69 28.16 6.03
CA SER E 53 -0.09 28.15 7.26
C SER E 53 -0.69 29.54 7.58
N ASN E 54 -1.34 29.64 8.73
CA ASN E 54 -1.90 30.90 9.18
C ASN E 54 -1.04 31.51 10.29
N THR E 55 -0.06 30.74 10.75
CA THR E 55 0.92 31.23 11.71
C THR E 55 2.29 30.79 11.23
N CYS E 56 3.21 31.74 11.11
CA CYS E 56 4.47 31.48 10.39
C CYS E 56 5.75 31.46 11.22
N SER E 57 5.64 31.70 12.52
CA SER E 57 6.82 31.57 13.39
C SER E 57 7.33 30.13 13.36
N SER E 58 8.65 29.96 13.41
CA SER E 58 9.23 28.63 13.51
C SER E 58 8.59 27.84 14.65
N GLY E 59 8.21 26.59 14.38
CA GLY E 59 7.56 25.74 15.37
C GLY E 59 6.05 25.66 15.24
N SER E 60 5.52 26.17 14.13
CA SER E 60 4.09 26.18 13.87
C SER E 60 3.61 24.96 13.09
N GLY E 61 2.32 24.68 13.13
CA GLY E 61 1.78 23.57 12.36
C GLY E 61 1.36 24.01 10.98
N PHE E 62 1.22 23.04 10.10
CA PHE E 62 0.73 23.31 8.75
C PHE E 62 0.02 22.08 8.20
N ALA E 63 -0.92 22.27 7.27
CA ALA E 63 -1.46 21.13 6.54
C ALA E 63 -1.58 21.49 5.07
N GLN E 64 -0.68 22.31 4.57
CA GLN E 64 -0.75 22.70 3.16
C GLN E 64 0.66 22.91 2.61
N VAL E 65 0.98 22.22 1.51
CA VAL E 65 2.31 22.28 0.94
C VAL E 65 2.23 22.38 -0.57
N LYS E 66 2.99 23.30 -1.16
CA LYS E 66 3.19 23.32 -2.60
C LYS E 66 4.44 22.53 -2.95
N PHE E 67 4.33 21.65 -3.95
CA PHE E 67 5.46 20.83 -4.41
C PHE E 67 5.90 21.23 -5.82
N ASN E 68 6.98 22.00 -5.94
CA ASN E 68 7.50 22.36 -7.26
C ASN E 68 8.44 21.31 -7.86
N ALA F 1 -14.09 12.74 -20.56
CA ALA F 1 -13.41 13.80 -21.32
C ALA F 1 -11.95 13.96 -20.91
N ASP F 2 -11.05 14.11 -21.88
CA ASP F 2 -9.66 14.43 -21.61
C ASP F 2 -9.50 15.95 -21.37
N CYS F 3 -9.38 16.35 -20.10
CA CYS F 3 -9.25 17.75 -19.77
C CYS F 3 -7.89 18.33 -20.08
N ALA F 4 -6.85 17.65 -19.59
CA ALA F 4 -5.48 18.06 -19.82
C ALA F 4 -4.62 16.83 -20.03
N LYS F 5 -3.51 17.02 -20.74
CA LYS F 5 -2.55 15.95 -20.97
C LYS F 5 -1.19 16.62 -21.02
N GLY F 6 -0.27 16.15 -20.19
CA GLY F 6 1.02 16.78 -20.06
C GLY F 6 1.74 16.39 -18.79
N LYS F 7 2.78 17.14 -18.46
CA LYS F 7 3.53 16.84 -17.26
C LYS F 7 2.91 17.62 -16.12
N ILE F 8 2.97 17.06 -14.93
CA ILE F 8 2.57 17.79 -13.74
C ILE F 8 3.55 18.93 -13.50
N GLU F 9 3.06 20.16 -13.67
CA GLU F 9 3.87 21.34 -13.50
C GLU F 9 4.21 21.57 -12.01
N PHE F 10 3.19 21.56 -11.16
CA PHE F 10 3.42 21.52 -9.71
C PHE F 10 2.25 20.80 -9.04
N SER F 11 2.36 20.55 -7.74
CA SER F 11 1.30 19.88 -7.00
C SER F 11 1.19 20.44 -5.60
N LYS F 12 -0.03 20.52 -5.08
CA LYS F 12 -0.27 21.09 -3.75
C LYS F 12 -1.02 20.08 -2.90
N TYR F 13 -0.62 19.90 -1.64
CA TYR F 13 -1.43 19.13 -0.70
C TYR F 13 -2.27 20.14 0.06
N ASN F 14 -3.56 19.89 0.21
CA ASN F 14 -4.47 20.90 0.74
C ASN F 14 -4.99 20.62 2.13
N GLU F 15 -5.44 21.65 2.81
CA GLU F 15 -5.89 21.49 4.18
C GLU F 15 -7.09 20.53 4.33
N ASP F 16 -7.93 20.39 3.29
CA ASP F 16 -9.08 19.46 3.33
C ASP F 16 -8.71 18.02 2.98
N ASN F 17 -7.39 17.79 2.90
CA ASN F 17 -6.79 16.51 2.54
C ASN F 17 -6.98 16.08 1.08
N THR F 18 -7.28 17.03 0.21
CA THR F 18 -7.32 16.78 -1.23
C THR F 18 -5.97 17.14 -1.84
N PHE F 19 -5.78 16.73 -3.08
CA PHE F 19 -4.51 16.90 -3.76
C PHE F 19 -4.70 17.63 -5.08
N THR F 20 -4.04 18.78 -5.23
CA THR F 20 -4.16 19.59 -6.44
C THR F 20 -2.93 19.38 -7.35
N VAL F 21 -3.16 19.44 -8.66
CA VAL F 21 -2.12 19.15 -9.63
C VAL F 21 -2.28 20.16 -10.78
N LYS F 22 -1.19 20.54 -11.44
CA LYS F 22 -1.29 21.52 -12.54
C LYS F 22 -0.75 20.99 -13.88
N VAL F 23 -1.67 20.73 -14.80
CA VAL F 23 -1.33 20.09 -16.06
C VAL F 23 -1.77 21.00 -17.18
N SER F 24 -0.99 21.03 -18.26
CA SER F 24 -1.10 22.10 -19.26
C SER F 24 -1.04 23.38 -18.45
N GLY F 25 -2.07 24.21 -18.56
CA GLY F 25 -2.04 25.46 -17.81
C GLY F 25 -3.09 25.54 -16.72
N ARG F 26 -3.81 24.43 -16.52
CA ARG F 26 -4.99 24.40 -15.65
C ARG F 26 -4.74 23.59 -14.37
N GLU F 27 -5.41 23.96 -13.29
CA GLU F 27 -5.32 23.24 -12.00
C GLU F 27 -6.46 22.27 -11.83
N TYR F 28 -6.19 21.12 -11.21
CA TYR F 28 -7.23 20.13 -10.96
C TYR F 28 -7.00 19.50 -9.59
N TRP F 29 -8.09 19.18 -8.90
CA TRP F 29 -7.95 18.56 -7.58
C TRP F 29 -8.66 17.21 -7.48
N THR F 30 -8.15 16.31 -6.65
CA THR F 30 -8.80 15.03 -6.45
C THR F 30 -8.92 14.76 -4.96
N ASN F 31 -10.02 14.16 -4.55
CA ASN F 31 -10.22 13.91 -3.15
C ASN F 31 -9.80 12.48 -2.80
N ARG F 32 -9.37 11.73 -3.82
CA ARG F 32 -8.96 10.33 -3.64
C ARG F 32 -7.53 10.24 -3.14
N TRP F 33 -7.33 9.83 -1.89
CA TRP F 33 -5.99 9.76 -1.32
C TRP F 33 -5.03 8.83 -2.07
N ASN F 34 -5.53 7.68 -2.54
CA ASN F 34 -4.74 6.78 -3.37
C ASN F 34 -4.01 7.44 -4.53
N LEU F 35 -4.54 8.56 -5.02
CA LEU F 35 -3.95 9.24 -6.16
C LEU F 35 -2.79 10.11 -5.77
N GLN F 36 -2.59 10.29 -4.47
CA GLN F 36 -1.50 11.13 -3.99
C GLN F 36 -0.09 10.61 -4.28
N PRO F 37 0.21 9.35 -3.92
CA PRO F 37 1.61 8.98 -4.13
C PRO F 37 1.88 8.61 -5.58
N LEU F 38 0.86 8.13 -6.28
CA LEU F 38 0.97 7.91 -7.71
C LEU F 38 1.24 9.21 -8.46
N LEU F 39 0.54 10.29 -8.12
CA LEU F 39 0.71 11.51 -8.87
C LEU F 39 2.02 12.20 -8.56
N GLN F 40 2.49 12.08 -7.33
CA GLN F 40 3.74 12.74 -6.98
C GLN F 40 4.91 12.08 -7.69
N SER F 41 4.82 10.78 -7.89
CA SER F 41 5.79 10.06 -8.69
C SER F 41 5.77 10.44 -10.16
N ALA F 42 4.57 10.62 -10.72
CA ALA F 42 4.49 11.00 -12.12
C ALA F 42 5.14 12.36 -12.29
N GLN F 43 5.11 13.17 -11.24
CA GLN F 43 5.68 14.51 -11.30
C GLN F 43 7.19 14.46 -11.16
N LEU F 44 7.67 13.62 -10.25
CA LEU F 44 9.10 13.38 -10.07
C LEU F 44 9.82 13.11 -11.38
N THR F 45 9.26 12.20 -12.16
CA THR F 45 9.88 11.74 -13.39
C THR F 45 9.25 12.27 -14.67
N GLY F 46 8.52 13.37 -14.59
CA GLY F 46 7.89 13.95 -15.77
C GLY F 46 7.12 13.00 -16.65
N MET F 47 6.48 12.01 -16.03
CA MET F 47 5.55 11.13 -16.71
C MET F 47 4.45 11.99 -17.25
N THR F 48 4.01 11.70 -18.47
CA THR F 48 2.94 12.46 -19.08
C THR F 48 1.66 11.91 -18.51
N VAL F 49 0.92 12.78 -17.84
CA VAL F 49 -0.28 12.42 -17.12
C VAL F 49 -1.45 12.98 -17.92
N THR F 50 -2.60 12.32 -17.89
CA THR F 50 -3.79 12.90 -18.53
C THR F 50 -5.03 12.83 -17.63
N ILE F 51 -5.50 14.00 -17.20
CA ILE F 51 -6.64 14.10 -16.28
C ILE F 51 -7.97 13.93 -17.00
N ILE F 52 -8.81 13.05 -16.49
CA ILE F 52 -10.09 12.78 -17.10
C ILE F 52 -11.22 13.15 -16.15
N SER F 53 -12.26 13.80 -16.66
CA SER F 53 -13.32 14.32 -15.83
C SER F 53 -14.49 14.77 -16.66
N ASN F 54 -15.57 15.17 -16.00
CA ASN F 54 -16.73 15.73 -16.69
C ASN F 54 -16.74 17.27 -16.77
N THR F 55 -16.11 17.93 -15.79
CA THR F 55 -16.01 19.38 -15.79
C THR F 55 -14.55 19.76 -16.03
N CYS F 56 -14.25 20.39 -17.17
CA CYS F 56 -12.85 20.52 -17.61
C CYS F 56 -12.18 21.87 -17.40
N SER F 57 -12.88 22.78 -16.72
CA SER F 57 -12.31 24.09 -16.43
C SER F 57 -11.30 24.04 -15.29
N SER F 58 -10.43 25.04 -15.24
CA SER F 58 -9.51 25.16 -14.12
C SER F 58 -10.31 25.31 -12.82
N GLY F 59 -9.95 24.51 -11.81
CA GLY F 59 -10.58 24.53 -10.50
C GLY F 59 -11.50 23.33 -10.27
N SER F 60 -11.42 22.35 -11.17
CA SER F 60 -12.38 21.24 -11.17
C SER F 60 -11.83 19.95 -10.60
N GLY F 61 -12.72 19.10 -10.13
CA GLY F 61 -12.33 17.86 -9.52
C GLY F 61 -12.15 16.76 -10.54
N PHE F 62 -11.37 15.77 -10.17
CA PHE F 62 -11.23 14.60 -10.99
C PHE F 62 -11.04 13.39 -10.11
N ALA F 63 -11.34 12.21 -10.62
CA ALA F 63 -10.96 11.01 -9.93
C ALA F 63 -10.62 9.95 -10.97
N GLN F 64 -10.01 10.38 -12.06
CA GLN F 64 -9.61 9.50 -13.16
C GLN F 64 -8.35 10.02 -13.82
N VAL F 65 -7.30 9.20 -13.89
CA VAL F 65 -6.05 9.65 -14.49
C VAL F 65 -5.44 8.55 -15.33
N LYS F 66 -4.90 8.93 -16.50
CA LYS F 66 -4.11 8.00 -17.30
C LYS F 66 -2.63 8.36 -17.15
N PHE F 67 -1.82 7.38 -16.76
CA PHE F 67 -0.36 7.56 -16.64
C PHE F 67 0.43 6.97 -17.81
N ASN F 68 1.16 7.80 -18.56
CA ASN F 68 1.86 7.35 -19.78
C ASN F 68 3.37 7.21 -19.72
N GLN G 1 -27.71 4.03 -1.74
CA GLN G 1 -27.39 4.43 -3.11
C GLN G 1 -26.83 3.27 -3.94
N VAL G 2 -26.85 2.07 -3.37
CA VAL G 2 -26.51 0.86 -4.12
C VAL G 2 -27.80 0.15 -4.47
N GLN G 3 -27.99 -0.21 -5.74
CA GLN G 3 -29.20 -0.94 -6.13
C GLN G 3 -28.92 -2.13 -7.05
N LEU G 4 -29.45 -3.30 -6.67
CA LEU G 4 -29.41 -4.50 -7.52
C LEU G 4 -30.79 -4.77 -8.14
N GLN G 5 -30.90 -4.54 -9.45
CA GLN G 5 -32.15 -4.64 -10.21
C GLN G 5 -32.28 -5.92 -11.02
N GLU G 6 -33.02 -6.90 -10.53
CA GLU G 6 -33.19 -8.17 -11.26
C GLU G 6 -34.30 -8.10 -12.31
N SER G 7 -34.24 -9.02 -13.26
CA SER G 7 -35.25 -9.15 -14.31
C SER G 7 -35.18 -10.54 -14.91
N GLY G 8 -36.22 -10.92 -15.64
CA GLY G 8 -36.30 -12.25 -16.24
C GLY G 8 -36.88 -13.26 -15.27
N GLY G 9 -37.21 -14.45 -15.78
CA GLY G 9 -37.72 -15.51 -14.93
C GLY G 9 -39.21 -15.46 -14.67
N GLY G 10 -39.83 -16.62 -14.69
CA GLY G 10 -41.26 -16.73 -14.47
C GLY G 10 -41.69 -18.18 -14.48
N LEU G 11 -42.57 -18.51 -15.41
CA LEU G 11 -43.02 -19.89 -15.56
C LEU G 11 -42.33 -20.57 -16.73
N VAL G 12 -41.92 -21.82 -16.52
CA VAL G 12 -41.42 -22.65 -17.63
C VAL G 12 -41.56 -24.15 -17.31
N GLN G 13 -42.04 -24.90 -18.30
CA GLN G 13 -42.16 -26.36 -18.20
C GLN G 13 -40.81 -27.00 -17.92
N ALA G 14 -40.81 -28.08 -17.13
CA ALA G 14 -39.58 -28.76 -16.74
C ALA G 14 -38.70 -29.15 -17.95
N GLY G 15 -37.39 -29.03 -17.78
CA GLY G 15 -36.45 -29.24 -18.87
C GLY G 15 -36.37 -28.07 -19.83
N GLY G 16 -36.54 -26.85 -19.30
CA GLY G 16 -36.52 -25.64 -20.11
C GLY G 16 -35.42 -24.67 -19.73
N SER G 17 -35.41 -23.50 -20.36
CA SER G 17 -34.31 -22.54 -20.20
C SER G 17 -34.73 -21.09 -19.90
N LEU G 18 -34.15 -20.53 -18.85
CA LEU G 18 -34.46 -19.16 -18.39
C LEU G 18 -33.18 -18.37 -18.13
N ARG G 19 -33.12 -17.12 -18.60
CA ARG G 19 -31.94 -16.29 -18.30
C ARG G 19 -32.23 -15.15 -17.31
N LEU G 20 -31.76 -15.34 -16.07
CA LEU G 20 -31.86 -14.31 -15.04
C LEU G 20 -30.76 -13.29 -15.25
N SER G 21 -31.01 -12.06 -14.84
CA SER G 21 -30.01 -10.99 -15.01
C SER G 21 -30.19 -9.89 -14.00
N CYS G 22 -29.08 -9.46 -13.42
CA CYS G 22 -29.05 -8.47 -12.37
C CYS G 22 -28.21 -7.33 -12.83
N ALA G 23 -28.74 -6.11 -12.80
CA ALA G 23 -27.97 -4.91 -13.13
C ALA G 23 -27.55 -4.21 -11.84
N VAL G 24 -26.24 -4.15 -11.59
CA VAL G 24 -25.76 -3.60 -10.33
C VAL G 24 -25.40 -2.14 -10.49
N SER G 25 -25.68 -1.35 -9.47
CA SER G 25 -25.26 0.06 -9.41
C SER G 25 -23.74 0.12 -9.68
N GLY G 26 -23.32 1.15 -10.43
CA GLY G 26 -21.94 1.23 -10.91
C GLY G 26 -20.86 1.24 -9.83
N SER G 27 -21.14 1.98 -8.76
CA SER G 27 -20.29 2.09 -7.60
C SER G 27 -19.58 0.80 -7.12
N ILE G 28 -20.28 -0.33 -7.10
CA ILE G 28 -19.73 -1.52 -6.46
C ILE G 28 -19.60 -2.74 -7.37
N PHE G 29 -19.88 -2.60 -8.65
CA PHE G 29 -19.86 -3.78 -9.51
C PHE G 29 -18.47 -4.43 -9.59
N ARG G 30 -17.47 -3.66 -10.00
CA ARG G 30 -16.09 -4.14 -10.12
C ARG G 30 -15.48 -4.57 -8.79
N LEU G 31 -16.14 -4.23 -7.69
CA LEU G 31 -15.63 -4.57 -6.36
C LEU G 31 -16.21 -5.88 -5.84
N SER G 32 -17.15 -6.44 -6.58
CA SER G 32 -18.00 -7.47 -6.00
C SER G 32 -17.87 -8.83 -6.64
N THR G 33 -17.81 -9.87 -5.82
CA THR G 33 -18.13 -11.19 -6.34
C THR G 33 -19.67 -11.34 -6.37
N MET G 34 -20.22 -11.26 -7.59
CA MET G 34 -21.65 -11.41 -7.86
C MET G 34 -22.13 -12.84 -7.71
N GLY G 35 -23.33 -13.00 -7.19
CA GLY G 35 -23.88 -14.33 -6.97
C GLY G 35 -25.39 -14.42 -7.07
N TRP G 36 -25.90 -15.64 -7.06
CA TRP G 36 -27.34 -15.89 -6.97
C TRP G 36 -27.62 -16.81 -5.78
N TYR G 37 -28.62 -16.46 -5.00
CA TYR G 37 -29.11 -17.31 -3.92
C TYR G 37 -30.58 -17.57 -4.18
N ARG G 38 -31.08 -18.74 -3.78
CA ARG G 38 -32.51 -19.00 -3.93
C ARG G 38 -33.15 -19.40 -2.60
N GLN G 39 -34.42 -19.03 -2.47
CA GLN G 39 -35.23 -19.49 -1.35
C GLN G 39 -36.50 -20.17 -1.88
N ALA G 40 -36.61 -21.46 -1.60
CA ALA G 40 -37.79 -22.23 -1.97
C ALA G 40 -38.81 -22.07 -0.86
N PRO G 41 -40.11 -22.05 -1.23
CA PRO G 41 -41.17 -22.07 -0.22
C PRO G 41 -40.99 -23.23 0.76
N GLY G 42 -40.91 -22.92 2.06
CA GLY G 42 -40.76 -23.93 3.08
C GLY G 42 -39.36 -24.01 3.67
N LYS G 43 -38.38 -23.54 2.90
CA LYS G 43 -36.97 -23.64 3.32
C LYS G 43 -36.28 -22.28 3.56
N GLN G 44 -35.03 -22.33 3.99
CA GLN G 44 -34.20 -21.15 4.15
C GLN G 44 -33.29 -20.95 2.93
N ARG G 45 -32.58 -19.83 2.89
CA ARG G 45 -31.81 -19.42 1.71
C ARG G 45 -30.62 -20.34 1.32
N GLU G 46 -30.63 -20.78 0.06
CA GLU G 46 -29.61 -21.67 -0.49
C GLU G 46 -28.63 -20.87 -1.38
N PHE G 47 -27.33 -21.16 -1.28
CA PHE G 47 -26.36 -20.66 -2.25
C PHE G 47 -26.58 -21.36 -3.59
N VAL G 48 -26.42 -20.64 -4.71
CA VAL G 48 -26.64 -21.22 -6.03
C VAL G 48 -25.39 -21.17 -6.92
N ALA G 49 -24.81 -19.98 -7.08
CA ALA G 49 -23.76 -19.75 -8.05
C ALA G 49 -23.16 -18.38 -7.81
N SER G 50 -21.86 -18.24 -8.04
CA SER G 50 -21.17 -16.95 -7.84
C SER G 50 -19.92 -16.83 -8.71
N ILE G 51 -19.60 -15.60 -9.10
CA ILE G 51 -18.43 -15.32 -9.92
C ILE G 51 -17.61 -14.13 -9.39
N THR G 52 -16.31 -14.33 -9.17
CA THR G 52 -15.47 -13.25 -8.65
C THR G 52 -15.20 -12.13 -9.65
N SER G 53 -14.53 -11.09 -9.20
CA SER G 53 -14.12 -9.98 -10.07
C SER G 53 -13.25 -10.51 -11.20
N TYR G 54 -12.46 -11.53 -10.86
CA TYR G 54 -11.54 -12.09 -11.80
C TYR G 54 -12.05 -13.40 -12.42
N GLY G 55 -13.35 -13.49 -12.65
CA GLY G 55 -13.92 -14.50 -13.51
C GLY G 55 -14.02 -15.92 -12.98
N ASP G 56 -13.68 -16.13 -11.71
CA ASP G 56 -13.74 -17.46 -11.09
C ASP G 56 -15.17 -17.90 -10.69
N THR G 57 -15.68 -18.95 -11.33
CA THR G 57 -17.05 -19.42 -11.07
C THR G 57 -17.12 -20.48 -9.97
N ASN G 58 -18.15 -20.38 -9.14
CA ASN G 58 -18.49 -21.43 -8.17
C ASN G 58 -19.98 -21.77 -8.23
N TYR G 59 -20.33 -22.99 -7.83
CA TYR G 59 -21.70 -23.48 -7.98
C TYR G 59 -22.10 -24.44 -6.86
N ARG G 60 -23.41 -24.62 -6.67
CA ARG G 60 -23.92 -25.72 -5.84
C ARG G 60 -24.07 -26.98 -6.71
N ASP G 61 -23.63 -28.12 -6.17
CA ASP G 61 -23.53 -29.39 -6.91
C ASP G 61 -24.78 -29.74 -7.73
N SER G 62 -25.96 -29.58 -7.13
CA SER G 62 -27.22 -29.87 -7.80
C SER G 62 -27.52 -28.92 -8.97
N VAL G 63 -26.57 -28.03 -9.27
CA VAL G 63 -26.69 -27.10 -10.39
C VAL G 63 -25.58 -27.30 -11.46
N LYS G 64 -24.44 -27.87 -11.04
CA LYS G 64 -23.27 -28.08 -11.90
C LYS G 64 -23.63 -28.65 -13.27
N GLY G 65 -22.99 -28.14 -14.32
CA GLY G 65 -23.34 -28.56 -15.66
C GLY G 65 -24.51 -27.79 -16.27
N ARG G 66 -25.56 -27.57 -15.47
CA ARG G 66 -26.82 -26.99 -15.98
C ARG G 66 -26.88 -25.45 -16.06
N PHE G 67 -26.55 -24.77 -14.97
CA PHE G 67 -26.54 -23.30 -14.96
C PHE G 67 -25.14 -22.79 -15.24
N THR G 68 -25.03 -21.62 -15.86
CA THR G 68 -23.72 -20.97 -15.97
C THR G 68 -23.81 -19.49 -15.64
N ILE G 69 -22.96 -19.03 -14.73
CA ILE G 69 -22.96 -17.63 -14.33
C ILE G 69 -21.94 -16.83 -15.16
N SER G 70 -22.21 -15.56 -15.42
CA SER G 70 -21.25 -14.75 -16.17
C SER G 70 -21.29 -13.24 -15.85
N ARG G 71 -20.26 -12.52 -16.29
CA ARG G 71 -20.24 -11.08 -16.09
C ARG G 71 -20.01 -10.36 -17.40
N ASP G 72 -20.68 -9.23 -17.54
CA ASP G 72 -20.32 -8.26 -18.55
C ASP G 72 -19.94 -7.03 -17.74
N ASN G 73 -18.64 -6.80 -17.58
CA ASN G 73 -18.20 -5.72 -16.69
C ASN G 73 -18.47 -4.34 -17.31
N ALA G 74 -18.82 -4.33 -18.60
CA ALA G 74 -19.21 -3.10 -19.29
C ALA G 74 -20.60 -2.63 -18.88
N LYS G 75 -21.57 -3.52 -19.06
CA LYS G 75 -22.96 -3.25 -18.73
C LYS G 75 -23.24 -3.30 -17.22
N ASN G 76 -22.22 -3.61 -16.43
CA ASN G 76 -22.34 -3.75 -14.99
C ASN G 76 -23.42 -4.74 -14.59
N THR G 77 -23.51 -5.87 -15.30
CA THR G 77 -24.60 -6.82 -15.09
C THR G 77 -24.11 -8.25 -14.94
N VAL G 78 -24.94 -9.12 -14.38
CA VAL G 78 -24.56 -10.49 -14.09
C VAL G 78 -25.60 -11.46 -14.62
N TYR G 79 -25.15 -12.52 -15.28
CA TYR G 79 -26.08 -13.45 -15.90
C TYR G 79 -26.08 -14.83 -15.25
N LEU G 80 -27.28 -15.40 -15.17
CA LEU G 80 -27.46 -16.80 -14.81
C LEU G 80 -28.31 -17.45 -15.88
N GLN G 81 -27.64 -18.12 -16.82
CA GLN G 81 -28.30 -18.93 -17.83
C GLN G 81 -28.64 -20.27 -17.19
N MET G 82 -29.94 -20.54 -17.09
CA MET G 82 -30.44 -21.76 -16.49
C MET G 82 -30.89 -22.73 -17.59
N ASN G 83 -30.33 -23.93 -17.60
CA ASN G 83 -30.70 -24.92 -18.61
C ASN G 83 -31.19 -26.23 -17.99
N SER G 84 -32.16 -26.86 -18.65
CA SER G 84 -32.71 -28.15 -18.21
C SER G 84 -33.23 -28.13 -16.77
N LEU G 85 -34.15 -27.21 -16.52
CA LEU G 85 -34.70 -27.02 -15.18
C LEU G 85 -35.53 -28.22 -14.70
N LYS G 86 -35.80 -28.27 -13.41
CA LYS G 86 -36.58 -29.35 -12.82
C LYS G 86 -37.29 -28.82 -11.58
N PRO G 87 -38.43 -29.44 -11.19
CA PRO G 87 -39.27 -28.88 -10.12
C PRO G 87 -38.54 -28.55 -8.83
N GLU G 88 -37.39 -29.18 -8.57
CA GLU G 88 -36.66 -28.87 -7.35
C GLU G 88 -35.94 -27.51 -7.48
N ASP G 89 -35.87 -27.00 -8.70
CA ASP G 89 -35.25 -25.71 -8.94
C ASP G 89 -36.27 -24.58 -8.91
N THR G 90 -37.36 -24.78 -8.16
CA THR G 90 -38.41 -23.76 -8.05
C THR G 90 -38.20 -22.94 -6.78
N ALA G 91 -38.09 -21.63 -6.94
CA ALA G 91 -37.81 -20.74 -5.83
C ALA G 91 -37.85 -19.26 -6.20
N VAL G 92 -37.66 -18.41 -5.18
CA VAL G 92 -37.43 -16.99 -5.36
C VAL G 92 -35.91 -16.81 -5.42
N TYR G 93 -35.43 -16.27 -6.54
CA TYR G 93 -33.98 -16.15 -6.78
C TYR G 93 -33.41 -14.75 -6.50
N TYR G 94 -32.59 -14.64 -5.47
CA TYR G 94 -31.97 -13.35 -5.13
C TYR G 94 -30.60 -13.13 -5.79
N CYS G 95 -30.43 -11.99 -6.42
CA CYS G 95 -29.13 -11.57 -6.91
C CYS G 95 -28.33 -10.99 -5.75
N ASN G 96 -27.04 -11.31 -5.68
CA ASN G 96 -26.17 -10.92 -4.57
C ASN G 96 -24.91 -10.21 -5.02
N ALA G 97 -24.57 -9.12 -4.35
CA ALA G 97 -23.26 -8.49 -4.55
C ALA G 97 -22.49 -8.60 -3.23
N ASN G 98 -21.30 -9.18 -3.29
CA ASN G 98 -20.52 -9.37 -2.07
C ASN G 98 -19.12 -8.75 -2.18
N ILE G 99 -18.90 -7.66 -1.45
CA ILE G 99 -17.68 -6.85 -1.61
C ILE G 99 -16.41 -7.61 -1.23
N GLU G 100 -15.43 -7.60 -2.13
CA GLU G 100 -14.23 -8.40 -1.96
C GLU G 100 -13.20 -7.81 -0.99
N ALA G 101 -12.49 -8.69 -0.29
CA ALA G 101 -11.38 -8.28 0.57
C ALA G 101 -10.26 -7.63 -0.24
N GLY G 102 -9.68 -6.55 0.29
CA GLY G 102 -8.58 -5.88 -0.36
C GLY G 102 -9.12 -4.71 -1.16
N THR G 103 -10.43 -4.66 -1.26
CA THR G 103 -11.11 -3.42 -1.61
C THR G 103 -11.32 -2.67 -0.32
N TYR G 104 -10.98 -1.41 -0.29
CA TYR G 104 -11.11 -0.72 0.98
C TYR G 104 -12.47 -0.01 0.96
N TYR G 105 -13.53 -0.82 0.93
CA TYR G 105 -14.87 -0.31 0.80
C TYR G 105 -15.73 -0.82 1.95
N GLY G 106 -15.73 -2.13 2.14
CA GLY G 106 -16.42 -2.74 3.25
C GLY G 106 -16.37 -4.23 3.01
N PRO G 107 -15.24 -4.86 3.36
CA PRO G 107 -15.01 -6.24 2.93
C PRO G 107 -16.09 -7.19 3.48
N GLY G 108 -16.58 -8.06 2.59
CA GLY G 108 -17.52 -9.10 2.98
C GLY G 108 -18.97 -8.65 3.10
N ARG G 109 -19.21 -7.35 3.01
CA ARG G 109 -20.55 -6.80 3.05
C ARG G 109 -21.42 -7.41 1.95
N ASP G 110 -22.69 -7.67 2.26
CA ASP G 110 -23.62 -8.25 1.29
C ASP G 110 -24.73 -7.27 0.86
N TYR G 111 -24.95 -7.17 -0.44
CA TYR G 111 -26.13 -6.48 -0.95
C TYR G 111 -27.05 -7.48 -1.62
N TRP G 112 -28.35 -7.13 -1.74
CA TRP G 112 -29.37 -8.02 -2.31
C TRP G 112 -30.35 -7.33 -3.25
N GLY G 113 -30.88 -8.10 -4.18
CA GLY G 113 -31.94 -7.64 -5.05
C GLY G 113 -33.29 -7.99 -4.42
N GLN G 114 -34.38 -7.44 -4.99
CA GLN G 114 -35.70 -7.57 -4.38
C GLN G 114 -36.22 -9.01 -4.38
N GLY G 115 -35.87 -9.76 -5.43
CA GLY G 115 -36.27 -11.16 -5.51
C GLY G 115 -37.07 -11.47 -6.77
N THR G 116 -36.85 -12.66 -7.33
CA THR G 116 -37.55 -13.05 -8.56
C THR G 116 -38.11 -14.47 -8.48
N GLN G 117 -39.37 -14.62 -8.86
CA GLN G 117 -40.06 -15.91 -8.85
C GLN G 117 -39.71 -16.70 -10.10
N VAL G 118 -39.23 -17.93 -9.88
CA VAL G 118 -38.96 -18.87 -10.96
C VAL G 118 -39.61 -20.21 -10.62
N THR G 119 -40.60 -20.61 -11.42
CA THR G 119 -41.39 -21.82 -11.19
C THR G 119 -41.30 -22.79 -12.38
N VAL G 120 -41.18 -24.09 -12.10
CA VAL G 120 -40.98 -25.11 -13.13
C VAL G 120 -41.93 -26.34 -13.06
N SER G 121 -42.49 -26.70 -14.22
CA SER G 121 -43.53 -27.74 -14.31
C SER G 121 -43.16 -28.95 -15.16
N VAL H 2 -16.80 -18.83 3.49
CA VAL H 2 -15.73 -19.49 4.24
C VAL H 2 -16.19 -20.75 4.93
N GLN H 3 -15.54 -21.87 4.64
CA GLN H 3 -15.83 -23.14 5.30
C GLN H 3 -14.60 -23.69 6.03
N LEU H 4 -14.84 -24.58 6.99
CA LEU H 4 -13.79 -25.39 7.60
C LEU H 4 -14.38 -26.77 7.83
N GLN H 5 -13.83 -27.78 7.17
CA GLN H 5 -14.30 -29.15 7.37
C GLN H 5 -13.28 -30.05 8.07
N GLU H 6 -13.61 -30.50 9.28
CA GLU H 6 -12.80 -31.50 9.99
C GLU H 6 -13.01 -32.91 9.45
N SER H 7 -12.04 -33.76 9.69
CA SER H 7 -12.08 -35.16 9.26
C SER H 7 -11.18 -35.97 10.17
N GLY H 8 -11.16 -37.29 9.96
CA GLY H 8 -10.38 -38.18 10.80
C GLY H 8 -11.06 -38.26 12.15
N GLY H 9 -10.50 -39.02 13.08
CA GLY H 9 -11.14 -39.10 14.38
C GLY H 9 -12.36 -40.01 14.43
N GLY H 10 -12.50 -40.71 15.55
CA GLY H 10 -13.56 -41.67 15.76
C GLY H 10 -13.20 -42.45 17.02
N LEU H 11 -13.41 -43.77 16.98
CA LEU H 11 -13.01 -44.65 18.08
C LEU H 11 -11.55 -45.07 17.91
N VAL H 12 -10.80 -45.02 19.02
CA VAL H 12 -9.46 -45.62 19.06
C VAL H 12 -9.23 -46.14 20.45
N GLN H 13 -8.30 -47.09 20.57
CA GLN H 13 -7.99 -47.67 21.88
C GLN H 13 -6.95 -46.83 22.59
N ALA H 14 -7.09 -46.69 23.90
CA ALA H 14 -6.12 -45.92 24.69
C ALA H 14 -4.70 -46.41 24.47
N GLY H 15 -3.88 -45.54 23.87
CA GLY H 15 -2.50 -45.87 23.54
C GLY H 15 -2.27 -45.76 22.04
N GLY H 16 -3.34 -45.98 21.27
CA GLY H 16 -3.30 -45.92 19.83
C GLY H 16 -3.25 -44.50 19.32
N SER H 17 -3.36 -44.32 18.01
CA SER H 17 -3.19 -42.99 17.44
C SER H 17 -4.35 -42.59 16.52
N LEU H 18 -4.30 -41.35 16.02
CA LEU H 18 -5.35 -40.82 15.15
C LEU H 18 -4.90 -39.52 14.49
N ARG H 19 -5.21 -39.37 13.20
CA ARG H 19 -4.88 -38.15 12.49
C ARG H 19 -6.09 -37.31 12.07
N LEU H 20 -6.21 -36.13 12.67
CA LEU H 20 -7.24 -35.16 12.30
C LEU H 20 -6.79 -34.31 11.11
N SER H 21 -7.75 -33.91 10.29
CA SER H 21 -7.45 -33.07 9.16
C SER H 21 -8.53 -32.02 9.05
N CYS H 22 -8.17 -30.81 8.66
CA CYS H 22 -9.14 -29.74 8.48
C CYS H 22 -8.91 -29.01 7.17
N ALA H 23 -9.90 -29.02 6.27
CA ALA H 23 -9.77 -28.29 5.02
C ALA H 23 -10.31 -26.89 5.21
N VAL H 24 -9.56 -25.89 4.78
CA VAL H 24 -9.93 -24.49 4.98
C VAL H 24 -10.09 -23.80 3.63
N SER H 25 -10.95 -22.80 3.55
CA SER H 25 -11.11 -22.03 2.32
C SER H 25 -9.85 -21.24 1.96
N GLY H 26 -9.45 -21.31 0.69
CA GLY H 26 -8.26 -20.66 0.21
C GLY H 26 -8.20 -19.18 0.54
N SER H 27 -9.37 -18.55 0.55
CA SER H 27 -9.49 -17.14 0.86
C SER H 27 -8.84 -16.73 2.19
N ILE H 28 -8.72 -17.68 3.14
CA ILE H 28 -8.20 -17.36 4.47
C ILE H 28 -7.07 -18.25 5.06
N PHE H 29 -6.64 -19.29 4.35
CA PHE H 29 -5.67 -20.21 4.94
C PHE H 29 -4.31 -19.57 5.22
N ARG H 30 -3.71 -18.96 4.19
CA ARG H 30 -2.45 -18.26 4.35
C ARG H 30 -2.56 -17.08 5.31
N LEU H 31 -3.77 -16.61 5.52
CA LEU H 31 -4.01 -15.43 6.34
C LEU H 31 -4.07 -15.73 7.83
N SER H 32 -4.01 -17.01 8.21
CA SER H 32 -4.35 -17.34 9.60
C SER H 32 -3.43 -18.31 10.33
N THR H 33 -3.41 -18.19 11.66
CA THR H 33 -2.78 -19.22 12.46
C THR H 33 -3.87 -20.23 12.80
N MET H 34 -3.67 -21.46 12.34
CA MET H 34 -4.63 -22.54 12.54
C MET H 34 -4.45 -23.21 13.89
N GLY H 35 -5.56 -23.43 14.59
CA GLY H 35 -5.53 -24.06 15.90
C GLY H 35 -6.52 -25.20 16.06
N TRP H 36 -6.24 -26.08 17.01
CA TRP H 36 -7.18 -27.13 17.37
C TRP H 36 -7.64 -26.90 18.78
N TYR H 37 -8.96 -26.78 18.94
CA TYR H 37 -9.54 -26.59 20.25
C TYR H 37 -10.40 -27.83 20.49
N ARG H 38 -10.74 -28.09 21.75
CA ARG H 38 -11.56 -29.25 22.07
C ARG H 38 -12.49 -28.98 23.25
N GLN H 39 -13.64 -29.64 23.24
CA GLN H 39 -14.66 -29.47 24.28
C GLN H 39 -15.19 -30.84 24.70
N ALA H 40 -14.78 -31.34 25.87
CA ALA H 40 -15.32 -32.60 26.40
C ALA H 40 -16.79 -32.40 26.77
N PRO H 41 -17.66 -33.42 26.53
CA PRO H 41 -19.04 -33.29 26.98
C PRO H 41 -19.09 -32.80 28.43
N GLY H 42 -19.91 -31.77 28.64
CA GLY H 42 -20.01 -31.08 29.92
C GLY H 42 -19.22 -29.78 29.92
N LYS H 43 -17.90 -29.93 29.91
CA LYS H 43 -16.92 -28.86 30.12
C LYS H 43 -16.85 -27.73 29.07
N GLN H 44 -15.93 -26.78 29.28
CA GLN H 44 -15.76 -25.65 28.36
C GLN H 44 -14.53 -25.74 27.45
N ARG H 45 -14.66 -25.17 26.26
CA ARG H 45 -13.68 -25.34 25.17
C ARG H 45 -12.28 -24.77 25.44
N GLU H 46 -11.26 -25.63 25.28
CA GLU H 46 -9.88 -25.34 25.66
C GLU H 46 -8.91 -25.48 24.47
N PHE H 47 -7.77 -24.79 24.57
CA PHE H 47 -6.74 -24.80 23.52
C PHE H 47 -5.95 -26.10 23.54
N VAL H 48 -5.72 -26.67 22.35
CA VAL H 48 -4.88 -27.86 22.19
C VAL H 48 -3.56 -27.57 21.48
N ALA H 49 -3.66 -27.03 20.27
CA ALA H 49 -2.48 -26.76 19.46
C ALA H 49 -2.73 -25.69 18.41
N SER H 50 -1.72 -24.85 18.14
CA SER H 50 -1.79 -23.95 16.99
C SER H 50 -0.44 -23.85 16.27
N ILE H 51 -0.51 -23.54 14.98
CA ILE H 51 0.66 -23.26 14.18
C ILE H 51 0.39 -21.97 13.41
N THR H 52 1.36 -21.07 13.35
CA THR H 52 1.14 -19.82 12.65
C THR H 52 1.42 -19.97 11.17
N SER H 53 1.34 -18.87 10.42
CA SER H 53 1.57 -18.92 8.99
C SER H 53 3.05 -19.16 8.66
N TYR H 54 3.92 -18.81 9.60
CA TYR H 54 5.34 -18.98 9.39
C TYR H 54 5.82 -20.21 10.18
N GLY H 55 4.86 -20.99 10.66
CA GLY H 55 5.17 -22.30 11.21
C GLY H 55 5.57 -22.42 12.68
N ASP H 56 5.33 -21.39 13.48
CA ASP H 56 5.59 -21.43 14.91
C ASP H 56 4.47 -22.19 15.63
N THR H 57 4.87 -23.25 16.35
CA THR H 57 3.92 -24.17 16.95
C THR H 57 3.84 -23.99 18.45
N ASN H 58 2.61 -23.94 18.96
CA ASN H 58 2.34 -24.02 20.39
C ASN H 58 1.39 -25.16 20.75
N TYR H 59 1.46 -25.63 21.99
CA TYR H 59 0.70 -26.79 22.47
C TYR H 59 0.30 -26.57 23.93
N ARG H 60 -0.85 -27.11 24.34
CA ARG H 60 -1.17 -27.10 25.77
C ARG H 60 -0.22 -28.08 26.46
N ASP H 61 0.04 -27.90 27.74
CA ASP H 61 1.05 -28.72 28.42
C ASP H 61 0.80 -30.23 28.33
N SER H 62 -0.45 -30.65 28.52
CA SER H 62 -0.79 -32.06 28.60
C SER H 62 -0.76 -32.80 27.25
N VAL H 63 -0.23 -32.16 26.23
CA VAL H 63 -0.31 -32.70 24.89
C VAL H 63 1.09 -32.71 24.24
N LYS H 64 2.01 -31.97 24.84
CA LYS H 64 3.42 -31.94 24.40
C LYS H 64 3.95 -33.36 24.24
N GLY H 65 4.52 -33.64 23.07
CA GLY H 65 5.16 -34.92 22.83
C GLY H 65 4.28 -35.92 22.13
N ARG H 66 2.98 -35.86 22.42
CA ARG H 66 2.05 -36.83 21.86
C ARG H 66 1.39 -36.28 20.60
N PHE H 67 1.09 -34.99 20.62
CA PHE H 67 0.38 -34.34 19.52
C PHE H 67 1.35 -33.48 18.73
N THR H 68 1.23 -33.46 17.41
CA THR H 68 2.04 -32.57 16.59
C THR H 68 1.20 -31.97 15.47
N ILE H 69 1.33 -30.65 15.32
CA ILE H 69 0.52 -29.89 14.37
C ILE H 69 1.35 -29.51 13.13
N SER H 70 0.70 -29.34 11.98
CA SER H 70 1.44 -29.15 10.75
C SER H 70 0.57 -28.60 9.63
N ARG H 71 1.18 -27.95 8.64
CA ARG H 71 0.43 -27.39 7.51
C ARG H 71 0.94 -27.96 6.20
N ASP H 72 0.01 -28.32 5.31
CA ASP H 72 0.38 -28.51 3.92
C ASP H 72 -0.17 -27.31 3.14
N ASN H 73 0.62 -26.25 3.07
CA ASN H 73 0.18 -24.97 2.50
C ASN H 73 -0.39 -25.06 1.08
N ALA H 74 -0.17 -26.20 0.43
CA ALA H 74 -0.61 -26.43 -0.95
C ALA H 74 -2.00 -27.06 -1.05
N LYS H 75 -2.31 -27.98 -0.13
CA LYS H 75 -3.65 -28.60 -0.06
C LYS H 75 -4.57 -27.82 0.88
N ASN H 76 -4.08 -26.69 1.41
CA ASN H 76 -4.86 -25.82 2.30
C ASN H 76 -5.38 -26.51 3.56
N THR H 77 -4.58 -27.38 4.19
CA THR H 77 -5.08 -28.12 5.34
C THR H 77 -4.15 -28.17 6.56
N VAL H 78 -4.75 -28.18 7.73
CA VAL H 78 -4.00 -28.43 8.95
C VAL H 78 -4.21 -29.88 9.33
N TYR H 79 -3.20 -30.47 9.95
CA TYR H 79 -3.29 -31.86 10.39
C TYR H 79 -2.97 -31.87 11.87
N LEU H 80 -3.62 -32.73 12.64
CA LEU H 80 -3.23 -32.92 14.02
C LEU H 80 -3.02 -34.39 14.28
N GLN H 81 -1.78 -34.85 14.12
CA GLN H 81 -1.41 -36.21 14.46
C GLN H 81 -1.44 -36.36 15.98
N MET H 82 -2.28 -37.28 16.45
CA MET H 82 -2.43 -37.51 17.89
C MET H 82 -1.92 -38.91 18.20
N ASN H 83 -0.77 -39.01 18.87
CA ASN H 83 -0.20 -40.30 19.23
C ASN H 83 -0.31 -40.54 20.74
N SER H 84 -0.32 -41.81 21.15
CA SER H 84 -0.51 -42.18 22.56
C SER H 84 -1.76 -41.55 23.19
N LEU H 85 -2.91 -41.74 22.55
CA LEU H 85 -4.17 -41.12 22.98
C LEU H 85 -4.64 -41.66 24.32
N LYS H 86 -4.68 -40.80 25.34
CA LYS H 86 -5.21 -41.16 26.66
C LYS H 86 -6.75 -40.99 26.68
N PRO H 87 -7.41 -41.45 27.77
CA PRO H 87 -8.85 -41.19 27.79
C PRO H 87 -9.22 -39.74 28.15
N GLU H 88 -8.30 -38.95 28.70
CA GLU H 88 -8.57 -37.52 28.97
C GLU H 88 -8.70 -36.72 27.68
N ASP H 89 -8.33 -37.33 26.55
CA ASP H 89 -8.35 -36.65 25.26
C ASP H 89 -9.71 -36.75 24.58
N THR H 90 -10.60 -37.55 25.15
CA THR H 90 -11.93 -37.71 24.59
C THR H 90 -12.68 -36.39 24.62
N ALA H 91 -13.02 -35.90 23.43
CA ALA H 91 -13.72 -34.64 23.28
C ALA H 91 -14.11 -34.42 21.83
N VAL H 92 -15.00 -33.46 21.61
CA VAL H 92 -15.21 -32.94 20.27
C VAL H 92 -14.03 -32.01 20.00
N TYR H 93 -13.35 -32.21 18.86
CA TYR H 93 -12.20 -31.39 18.45
C TYR H 93 -12.68 -30.39 17.41
N TYR H 94 -12.34 -29.12 17.60
CA TYR H 94 -12.72 -28.06 16.66
C TYR H 94 -11.51 -27.44 15.98
N CYS H 95 -11.63 -27.25 14.67
CA CYS H 95 -10.66 -26.53 13.86
C CYS H 95 -10.91 -25.02 14.00
N ASN H 96 -9.83 -24.24 14.18
CA ASN H 96 -9.97 -22.79 14.39
C ASN H 96 -9.04 -22.02 13.47
N ALA H 97 -9.60 -21.12 12.67
CA ALA H 97 -8.77 -20.22 11.85
C ALA H 97 -8.77 -18.80 12.41
N ASN H 98 -7.63 -18.36 12.93
CA ASN H 98 -7.48 -17.02 13.52
C ASN H 98 -6.60 -16.11 12.66
N ILE H 99 -7.22 -15.16 11.95
CA ILE H 99 -6.52 -14.19 11.09
C ILE H 99 -5.47 -13.37 11.86
N GLU H 100 -4.29 -13.16 11.28
CA GLU H 100 -3.16 -12.66 12.05
C GLU H 100 -3.00 -11.16 12.01
N ALA H 101 -2.46 -10.62 13.11
CA ALA H 101 -2.16 -9.21 13.20
C ALA H 101 -1.21 -8.85 12.07
N GLY H 102 -1.63 -7.92 11.21
CA GLY H 102 -0.82 -7.55 10.07
C GLY H 102 -1.47 -7.92 8.76
N THR H 103 -2.44 -8.82 8.79
CA THR H 103 -3.21 -9.13 7.58
C THR H 103 -4.73 -8.91 7.75
N TYR H 104 -5.48 -8.91 6.67
CA TYR H 104 -6.89 -8.52 6.72
C TYR H 104 -7.70 -9.36 5.75
N TYR H 105 -8.94 -9.68 6.18
CA TYR H 105 -9.92 -10.31 5.27
C TYR H 105 -11.24 -9.53 5.36
N GLY H 106 -12.17 -10.07 6.11
CA GLY H 106 -13.41 -9.38 6.35
C GLY H 106 -13.47 -8.99 7.81
N PRO H 107 -14.66 -8.54 8.24
CA PRO H 107 -14.99 -8.08 9.60
C PRO H 107 -14.70 -9.16 10.64
N GLY H 108 -14.90 -10.41 10.25
CA GLY H 108 -14.60 -11.51 11.15
C GLY H 108 -13.11 -11.72 11.28
N ARG H 109 -12.67 -11.99 12.51
CA ARG H 109 -11.28 -12.31 12.77
C ARG H 109 -11.10 -13.78 13.24
N ASP H 110 -12.23 -14.48 13.42
CA ASP H 110 -12.21 -15.85 13.94
C ASP H 110 -13.22 -16.75 13.24
N TYR H 111 -12.77 -17.94 12.85
CA TYR H 111 -13.62 -18.89 12.13
C TYR H 111 -13.53 -20.28 12.77
N TRP H 112 -14.67 -20.98 12.89
CA TRP H 112 -14.68 -22.30 13.52
C TRP H 112 -15.26 -23.40 12.63
N GLY H 113 -14.79 -24.62 12.87
CA GLY H 113 -15.29 -25.79 12.18
C GLY H 113 -16.51 -26.29 12.91
N GLN H 114 -17.10 -27.38 12.44
CA GLN H 114 -18.31 -27.89 13.04
C GLN H 114 -17.99 -28.91 14.15
N GLY H 115 -16.75 -29.38 14.16
CA GLY H 115 -16.32 -30.31 15.19
C GLY H 115 -16.32 -31.74 14.71
N THR H 116 -15.38 -32.52 15.23
CA THR H 116 -15.28 -33.94 14.94
C THR H 116 -15.03 -34.66 16.27
N GLN H 117 -15.68 -35.82 16.47
CA GLN H 117 -15.57 -36.52 17.76
C GLN H 117 -14.42 -37.52 17.79
N VAL H 118 -13.64 -37.49 18.86
CA VAL H 118 -12.59 -38.47 19.14
C VAL H 118 -12.91 -39.20 20.45
N THR H 119 -13.12 -40.51 20.38
CA THR H 119 -13.44 -41.29 21.58
C THR H 119 -12.42 -42.40 21.91
N VAL H 120 -11.93 -42.39 23.16
CA VAL H 120 -10.85 -43.27 23.59
C VAL H 120 -11.21 -44.19 24.77
N SER H 121 -10.91 -45.48 24.64
CA SER H 121 -11.20 -46.46 25.71
C SER H 121 -9.99 -46.80 26.58
N VAL I 2 -2.99 -13.71 24.33
CA VAL I 2 -2.33 -12.60 25.01
C VAL I 2 -2.37 -12.71 26.53
N GLN I 3 -1.20 -12.78 27.13
CA GLN I 3 -1.14 -13.12 28.54
C GLN I 3 -0.19 -12.17 29.29
N LEU I 4 -0.68 -11.65 30.41
CA LEU I 4 0.16 -10.90 31.34
C LEU I 4 0.26 -11.69 32.66
N GLN I 5 1.47 -12.09 33.00
CA GLN I 5 1.70 -12.86 34.22
C GLN I 5 2.70 -12.17 35.13
N GLU I 6 2.21 -11.74 36.30
CA GLU I 6 3.00 -10.96 37.23
C GLU I 6 3.47 -11.79 38.42
N SER I 7 4.51 -11.30 39.09
CA SER I 7 5.07 -12.00 40.25
C SER I 7 5.95 -11.07 41.06
N GLY I 8 6.42 -11.55 42.21
CA GLY I 8 7.07 -10.69 43.17
C GLY I 8 5.97 -10.29 44.13
N GLY I 9 6.25 -9.34 45.01
CA GLY I 9 5.25 -8.92 45.99
C GLY I 9 5.07 -9.92 47.12
N GLY I 10 4.45 -9.47 48.20
CA GLY I 10 4.34 -10.22 49.43
C GLY I 10 4.51 -9.32 50.64
N LEU I 11 4.72 -9.90 51.81
CA LEU I 11 4.80 -9.11 53.03
C LEU I 11 6.19 -8.51 53.14
N VAL I 12 6.28 -7.28 53.63
CA VAL I 12 7.58 -6.64 53.87
C VAL I 12 7.43 -5.47 54.84
N GLN I 13 8.43 -5.28 55.69
CA GLN I 13 8.37 -4.23 56.70
C GLN I 13 8.62 -2.90 56.02
N ALA I 14 8.20 -1.79 56.64
CA ALA I 14 8.47 -0.46 56.07
C ALA I 14 9.97 -0.20 55.86
N GLY I 15 10.29 0.70 54.94
CA GLY I 15 11.68 0.97 54.60
C GLY I 15 12.29 -0.14 53.76
N GLY I 16 11.61 -1.29 53.78
CA GLY I 16 12.00 -2.45 53.01
C GLY I 16 11.76 -2.27 51.52
N SER I 17 12.11 -3.31 50.78
CA SER I 17 12.09 -3.21 49.34
C SER I 17 11.55 -4.49 48.73
N LEU I 18 10.99 -4.34 47.54
CA LEU I 18 10.36 -5.42 46.80
C LEU I 18 10.61 -5.14 45.35
N ARG I 19 10.60 -6.17 44.52
CA ARG I 19 10.67 -5.93 43.08
C ARG I 19 9.63 -6.71 42.31
N LEU I 20 8.66 -6.01 41.77
CA LEU I 20 7.65 -6.62 40.93
C LEU I 20 8.18 -6.88 39.52
N SER I 21 7.56 -7.82 38.82
CA SER I 21 7.93 -8.14 37.46
C SER I 21 6.75 -8.72 36.71
N CYS I 22 6.63 -8.36 35.44
CA CYS I 22 5.49 -8.79 34.65
C CYS I 22 5.97 -9.33 33.30
N ALA I 23 5.55 -10.55 32.96
CA ALA I 23 5.95 -11.21 31.72
C ALA I 23 4.84 -11.14 30.68
N VAL I 24 5.13 -10.45 29.59
CA VAL I 24 4.15 -10.16 28.56
C VAL I 24 4.29 -11.11 27.37
N SER I 25 3.17 -11.42 26.69
CA SER I 25 3.23 -12.12 25.40
C SER I 25 4.04 -11.28 24.40
N GLY I 26 4.87 -11.94 23.59
CA GLY I 26 5.72 -11.23 22.65
C GLY I 26 4.96 -10.51 21.52
N SER I 27 3.74 -10.96 21.27
CA SER I 27 2.96 -10.45 20.16
C SER I 27 2.61 -8.98 20.34
N ILE I 28 2.56 -8.52 21.59
CA ILE I 28 2.20 -7.13 21.85
C ILE I 28 3.17 -6.38 22.76
N PHE I 29 4.18 -7.07 23.30
CA PHE I 29 5.11 -6.41 24.22
C PHE I 29 5.81 -5.15 23.69
N ARG I 30 6.38 -5.24 22.49
CA ARG I 30 7.06 -4.10 21.86
C ARG I 30 6.08 -3.04 21.39
N LEU I 31 4.80 -3.40 21.25
CA LEU I 31 3.78 -2.50 20.76
C LEU I 31 3.23 -1.65 21.89
N SER I 32 3.62 -1.96 23.13
CA SER I 32 2.96 -1.43 24.30
C SER I 32 3.77 -0.44 25.07
N THR I 33 3.12 0.58 25.64
CA THR I 33 3.73 1.18 26.81
C THR I 33 3.24 0.37 28.02
N MET I 34 4.17 -0.05 28.87
CA MET I 34 3.84 -0.92 29.99
C MET I 34 3.70 -0.11 31.28
N GLY I 35 2.66 -0.41 32.06
CA GLY I 35 2.44 0.29 33.30
C GLY I 35 2.18 -0.59 34.52
N TRP I 36 2.34 0.01 35.69
CA TRP I 36 1.86 -0.60 36.91
C TRP I 36 0.79 0.29 37.55
N TYR I 37 -0.32 -0.33 37.92
CA TYR I 37 -1.43 0.34 38.56
C TYR I 37 -1.72 -0.37 39.86
N ARG I 38 -2.01 0.37 40.93
CA ARG I 38 -2.38 -0.26 42.19
C ARG I 38 -3.83 0.06 42.58
N GLN I 39 -4.40 -0.79 43.43
CA GLN I 39 -5.72 -0.54 44.02
C GLN I 39 -5.74 -0.99 45.48
N ALA I 40 -5.93 -0.03 46.37
CA ALA I 40 -6.06 -0.31 47.81
C ALA I 40 -7.43 -0.92 48.09
N PRO I 41 -7.61 -1.55 49.26
CA PRO I 41 -8.98 -2.00 49.51
C PRO I 41 -9.85 -0.76 49.75
N GLY I 42 -11.05 -0.75 49.17
CA GLY I 42 -11.94 0.38 49.33
C GLY I 42 -11.74 1.51 48.33
N LYS I 43 -10.50 1.86 48.04
CA LYS I 43 -10.21 2.93 47.07
C LYS I 43 -10.19 2.40 45.64
N GLN I 44 -10.24 3.31 44.67
CA GLN I 44 -10.23 2.93 43.24
C GLN I 44 -8.82 2.94 42.63
N ARG I 45 -8.63 2.19 41.54
CA ARG I 45 -7.32 2.07 40.86
C ARG I 45 -6.60 3.39 40.62
N GLU I 46 -5.28 3.32 40.76
CA GLU I 46 -4.45 4.48 40.86
C GLU I 46 -3.27 4.19 39.92
N PHE I 47 -2.76 5.22 39.26
CA PHE I 47 -1.58 5.06 38.43
C PHE I 47 -0.35 5.03 39.33
N VAL I 48 0.63 4.17 39.03
CA VAL I 48 1.86 4.17 39.79
C VAL I 48 2.98 4.62 38.90
N ALA I 49 3.26 3.81 37.88
CA ALA I 49 4.40 4.04 37.00
C ALA I 49 4.17 3.49 35.59
N SER I 50 4.81 4.08 34.60
CA SER I 50 4.75 3.55 33.24
C SER I 50 6.01 3.83 32.45
N ILE I 51 6.26 2.99 31.44
CA ILE I 51 7.40 3.17 30.55
C ILE I 51 6.98 2.94 29.08
N THR I 52 7.37 3.84 28.19
CA THR I 52 7.00 3.68 26.78
C THR I 52 7.94 2.74 26.03
N SER I 53 7.53 2.34 24.82
CA SER I 53 8.36 1.51 23.96
C SER I 53 9.71 2.19 23.72
N TYR I 54 9.71 3.50 23.63
CA TYR I 54 10.95 4.25 23.49
C TYR I 54 11.62 4.67 24.82
N GLY I 55 11.17 4.13 25.95
CA GLY I 55 11.91 4.31 27.20
C GLY I 55 11.57 5.48 28.14
N ASP I 56 10.65 6.34 27.70
CA ASP I 56 10.12 7.42 28.54
C ASP I 56 9.35 6.92 29.77
N THR I 57 9.81 7.29 30.95
CA THR I 57 9.16 6.86 32.20
C THR I 57 8.32 7.95 32.88
N ASN I 58 7.30 7.52 33.61
CA ASN I 58 6.45 8.43 34.37
C ASN I 58 5.99 7.83 35.68
N TYR I 59 5.82 8.68 36.68
CA TYR I 59 5.56 8.21 38.04
C TYR I 59 4.59 9.14 38.72
N ARG I 60 3.73 8.58 39.57
CA ARG I 60 2.93 9.40 40.48
C ARG I 60 3.86 9.96 41.53
N ASP I 61 3.73 11.25 41.80
CA ASP I 61 4.75 11.96 42.58
C ASP I 61 4.92 11.47 44.02
N SER I 62 3.99 10.64 44.48
CA SER I 62 4.06 10.09 45.82
C SER I 62 5.01 8.89 45.85
N VAL I 63 5.45 8.50 44.66
CA VAL I 63 6.22 7.27 44.44
C VAL I 63 7.59 7.61 43.79
N LYS I 64 7.72 8.86 43.34
CA LYS I 64 8.98 9.35 42.80
C LYS I 64 10.12 9.15 43.79
N GLY I 65 11.31 8.88 43.26
CA GLY I 65 12.50 8.76 44.07
C GLY I 65 12.65 7.41 44.73
N ARG I 66 11.54 6.68 44.84
CA ARG I 66 11.56 5.40 45.55
C ARG I 66 11.34 4.23 44.60
N PHE I 67 10.49 4.42 43.61
CA PHE I 67 10.22 3.37 42.63
C PHE I 67 10.96 3.70 41.33
N THR I 68 11.47 2.70 40.65
CA THR I 68 11.93 2.89 39.28
C THR I 68 11.45 1.75 38.40
N ILE I 69 10.88 2.10 37.24
CA ILE I 69 10.37 1.11 36.32
C ILE I 69 11.37 0.96 35.16
N SER I 70 11.44 -0.23 34.57
CA SER I 70 12.38 -0.52 33.50
C SER I 70 11.86 -1.64 32.60
N ARG I 71 12.38 -1.75 31.39
CA ARG I 71 11.99 -2.87 30.53
C ARG I 71 13.20 -3.71 30.26
N ASP I 72 12.96 -5.00 30.06
CA ASP I 72 13.95 -5.85 29.42
C ASP I 72 13.32 -6.37 28.13
N ASN I 73 13.75 -5.81 27.00
CA ASN I 73 13.12 -6.10 25.72
C ASN I 73 13.42 -7.50 25.20
N ALA I 74 14.49 -8.10 25.71
CA ALA I 74 14.84 -9.47 25.34
C ALA I 74 14.00 -10.52 26.06
N LYS I 75 13.65 -10.24 27.31
CA LYS I 75 12.85 -11.19 28.10
C LYS I 75 11.34 -10.91 28.02
N ASN I 76 10.97 -9.83 27.32
CA ASN I 76 9.58 -9.39 27.24
C ASN I 76 8.98 -9.12 28.62
N THR I 77 9.75 -8.52 29.53
CA THR I 77 9.22 -8.21 30.85
C THR I 77 9.47 -6.77 31.35
N VAL I 78 8.62 -6.31 32.26
CA VAL I 78 8.74 -4.99 32.88
C VAL I 78 8.99 -5.22 34.33
N TYR I 79 9.77 -4.34 34.96
CA TYR I 79 10.00 -4.44 36.38
C TYR I 79 9.64 -3.14 37.06
N LEU I 80 9.33 -3.23 38.35
CA LEU I 80 9.15 -2.04 39.14
C LEU I 80 9.94 -2.33 40.40
N GLN I 81 10.93 -1.49 40.68
CA GLN I 81 11.78 -1.72 41.84
C GLN I 81 11.37 -0.75 42.93
N MET I 82 10.74 -1.27 43.97
CA MET I 82 10.17 -0.42 45.02
C MET I 82 11.08 -0.32 46.26
N ASN I 83 11.65 0.85 46.48
CA ASN I 83 12.59 1.03 47.56
C ASN I 83 11.98 1.78 48.71
N SER I 84 12.44 1.46 49.92
CA SER I 84 11.96 2.14 51.14
C SER I 84 10.45 2.33 51.12
N LEU I 85 9.75 1.22 50.92
CA LEU I 85 8.29 1.21 50.93
C LEU I 85 7.71 1.87 52.19
N LYS I 86 6.55 2.51 52.03
CA LYS I 86 5.83 3.15 53.13
C LYS I 86 4.52 2.40 53.36
N PRO I 87 3.80 2.70 54.45
CA PRO I 87 2.46 2.09 54.58
C PRO I 87 1.46 2.56 53.50
N GLU I 88 1.59 3.81 53.04
CA GLU I 88 0.83 4.36 51.90
C GLU I 88 0.73 3.35 50.75
N ASP I 89 1.83 2.64 50.53
CA ASP I 89 2.06 1.79 49.34
C ASP I 89 1.39 0.40 49.34
N THR I 90 0.68 0.03 50.41
CA THR I 90 0.04 -1.27 50.45
C THR I 90 -1.11 -1.26 49.47
N ALA I 91 -1.20 -2.30 48.64
CA ALA I 91 -2.30 -2.46 47.68
C ALA I 91 -2.12 -3.70 46.82
N VAL I 92 -3.04 -3.89 45.89
CA VAL I 92 -2.93 -4.96 44.92
C VAL I 92 -2.39 -4.33 43.64
N TYR I 93 -1.25 -4.80 43.16
CA TYR I 93 -0.63 -4.17 41.99
C TYR I 93 -1.04 -4.89 40.70
N TYR I 94 -1.32 -4.12 39.66
CA TYR I 94 -1.73 -4.69 38.38
C TYR I 94 -0.79 -4.27 37.24
N CYS I 95 -0.39 -5.24 36.42
CA CYS I 95 0.43 -4.95 35.26
C CYS I 95 -0.51 -4.46 34.18
N ASN I 96 -0.08 -3.46 33.41
CA ASN I 96 -0.86 -2.95 32.29
C ASN I 96 -0.06 -2.83 31.00
N ALA I 97 -0.59 -3.43 29.92
CA ALA I 97 -0.04 -3.24 28.57
C ALA I 97 -1.01 -2.43 27.72
N ASN I 98 -0.58 -1.28 27.24
CA ASN I 98 -1.42 -0.41 26.45
C ASN I 98 -0.81 -0.11 25.07
N ILE I 99 -1.40 -0.65 24.01
CA ILE I 99 -0.94 -0.42 22.63
C ILE I 99 -0.83 1.05 22.24
N GLU I 100 0.31 1.43 21.67
CA GLU I 100 0.59 2.84 21.42
C GLU I 100 -0.08 3.39 20.16
N ALA I 101 -0.40 4.67 20.20
CA ALA I 101 -0.84 5.39 19.01
C ALA I 101 0.26 5.30 17.96
N GLY I 102 0.07 4.45 16.96
CA GLY I 102 1.05 4.33 15.90
C GLY I 102 1.28 2.90 15.51
N THR I 103 0.94 1.96 16.38
CA THR I 103 0.90 0.54 15.99
C THR I 103 -0.52 -0.01 16.06
N TYR I 104 -0.62 -1.29 15.74
CA TYR I 104 -1.89 -1.94 15.57
C TYR I 104 -1.72 -3.42 15.97
N TYR I 105 -2.56 -3.85 16.89
CA TYR I 105 -2.74 -5.26 17.14
C TYR I 105 -4.23 -5.43 16.88
N GLY I 106 -4.71 -6.65 16.70
CA GLY I 106 -6.14 -6.89 16.57
C GLY I 106 -6.98 -6.14 17.61
N PRO I 107 -8.30 -6.01 17.37
CA PRO I 107 -9.23 -5.11 18.07
C PRO I 107 -8.94 -4.77 19.55
N GLY I 108 -8.19 -5.63 20.25
CA GLY I 108 -7.78 -5.35 21.61
C GLY I 108 -6.66 -4.31 21.71
N ARG I 109 -6.91 -3.25 22.47
CA ARG I 109 -5.92 -2.18 22.63
C ARG I 109 -5.47 -1.93 24.07
N ASP I 110 -6.02 -2.69 25.02
CA ASP I 110 -5.70 -2.54 26.45
C ASP I 110 -5.78 -3.88 27.17
N TYR I 111 -4.67 -4.31 27.78
CA TYR I 111 -4.60 -5.60 28.46
C TYR I 111 -4.17 -5.43 29.90
N TRP I 112 -4.63 -6.31 30.76
CA TRP I 112 -4.34 -6.26 32.19
C TRP I 112 -3.90 -7.62 32.69
N GLY I 113 -3.03 -7.63 33.69
CA GLY I 113 -2.64 -8.88 34.34
C GLY I 113 -3.55 -9.19 35.53
N GLN I 114 -3.35 -10.37 36.12
CA GLN I 114 -4.28 -10.87 37.14
C GLN I 114 -4.24 -10.07 38.44
N GLY I 115 -3.05 -9.70 38.87
CA GLY I 115 -2.91 -8.97 40.12
C GLY I 115 -1.96 -9.69 41.05
N THR I 116 -1.34 -8.92 41.94
CA THR I 116 -0.39 -9.46 42.90
C THR I 116 -0.41 -8.59 44.17
N GLN I 117 -0.60 -9.22 45.32
CA GLN I 117 -0.79 -8.48 46.56
C GLN I 117 0.54 -8.00 47.14
N VAL I 118 0.56 -6.76 47.62
CA VAL I 118 1.72 -6.18 48.29
C VAL I 118 1.30 -5.53 49.61
N THR I 119 1.98 -5.90 50.70
CA THR I 119 1.61 -5.41 52.04
C THR I 119 2.79 -4.81 52.82
N VAL I 120 2.60 -3.62 53.39
CA VAL I 120 3.68 -2.92 54.12
C VAL I 120 3.29 -2.46 55.53
N SER I 121 3.81 -3.15 56.55
CA SER I 121 3.48 -2.87 57.96
C SER I 121 4.34 -1.77 58.62
N VAL J 2 -5.59 10.64 28.46
CA VAL J 2 -5.76 11.95 27.85
C VAL J 2 -6.54 12.91 28.76
N GLN J 3 -5.92 14.04 29.10
CA GLN J 3 -6.55 15.01 30.00
C GLN J 3 -6.67 16.37 29.33
N LEU J 4 -7.77 17.04 29.61
CA LEU J 4 -7.96 18.43 29.23
C LEU J 4 -8.20 19.19 30.53
N GLN J 5 -7.19 19.93 31.00
CA GLN J 5 -7.34 20.71 32.23
C GLN J 5 -7.69 22.16 31.94
N GLU J 6 -8.94 22.57 32.17
CA GLU J 6 -9.29 23.98 31.98
C GLU J 6 -9.12 24.80 33.26
N SER J 7 -8.94 26.11 33.10
CA SER J 7 -8.71 26.98 34.25
C SER J 7 -8.96 28.44 33.87
N GLY J 8 -8.94 29.34 34.85
CA GLY J 8 -9.44 30.69 34.62
C GLY J 8 -10.97 30.70 34.70
N GLY J 9 -11.59 31.80 34.31
CA GLY J 9 -13.03 31.88 34.44
C GLY J 9 -13.48 31.98 35.87
N GLY J 10 -14.64 32.61 36.08
CA GLY J 10 -15.17 32.86 37.41
C GLY J 10 -16.13 34.04 37.29
N LEU J 11 -16.27 34.84 38.35
CA LEU J 11 -17.14 36.02 38.31
C LEU J 11 -16.46 37.18 37.63
N VAL J 12 -17.23 37.99 36.91
CA VAL J 12 -16.70 39.20 36.31
C VAL J 12 -17.82 40.18 35.96
N GLN J 13 -17.65 41.45 36.27
CA GLN J 13 -18.69 42.42 35.98
C GLN J 13 -18.79 42.59 34.47
N ALA J 14 -19.96 42.98 33.98
CA ALA J 14 -20.15 43.11 32.54
C ALA J 14 -19.13 44.08 31.96
N GLY J 15 -18.70 43.85 30.73
CA GLY J 15 -17.70 44.70 30.09
C GLY J 15 -16.25 44.38 30.47
N GLY J 16 -16.05 43.65 31.56
CA GLY J 16 -14.72 43.20 31.93
C GLY J 16 -14.18 42.10 31.01
N SER J 17 -13.16 41.38 31.48
CA SER J 17 -12.55 40.34 30.66
C SER J 17 -12.06 39.13 31.46
N LEU J 18 -12.02 37.98 30.82
CA LEU J 18 -11.44 36.76 31.39
C LEU J 18 -10.61 36.07 30.34
N ARG J 19 -9.55 35.39 30.78
CA ARG J 19 -8.74 34.54 29.90
C ARG J 19 -8.96 33.10 30.32
N LEU J 20 -9.70 32.32 29.53
CA LEU J 20 -9.79 30.88 29.80
C LEU J 20 -8.59 30.21 29.16
N SER J 21 -8.02 29.23 29.86
CA SER J 21 -6.92 28.42 29.34
C SER J 21 -7.20 26.94 29.57
N CYS J 22 -6.69 26.10 28.67
CA CYS J 22 -6.96 24.67 28.74
C CYS J 22 -5.71 23.89 28.33
N ALA J 23 -5.26 23.00 29.21
CA ALA J 23 -3.98 22.34 29.05
C ALA J 23 -4.14 20.88 28.67
N VAL J 24 -3.65 20.54 27.48
CA VAL J 24 -3.86 19.23 26.85
C VAL J 24 -2.63 18.31 26.93
N SER J 25 -2.85 16.99 26.99
CA SER J 25 -1.74 16.03 26.88
C SER J 25 -0.98 16.22 25.57
N GLY J 26 0.33 15.95 25.59
CA GLY J 26 1.15 16.12 24.40
C GLY J 26 0.78 15.16 23.27
N SER J 27 0.29 13.99 23.66
CA SER J 27 -0.07 12.94 22.73
C SER J 27 -1.09 13.42 21.71
N ILE J 28 -1.90 14.38 22.13
CA ILE J 28 -3.07 14.77 21.36
C ILE J 28 -3.10 16.24 20.93
N PHE J 29 -2.25 17.07 21.50
CA PHE J 29 -2.31 18.49 21.19
C PHE J 29 -2.10 18.88 19.74
N ARG J 30 -1.08 18.32 19.11
CA ARG J 30 -0.74 18.75 17.77
C ARG J 30 -1.65 18.12 16.76
N LEU J 31 -2.48 17.19 17.22
CA LEU J 31 -3.34 16.44 16.34
C LEU J 31 -4.73 17.07 16.29
N SER J 32 -4.94 18.11 17.07
CA SER J 32 -6.29 18.57 17.38
C SER J 32 -6.63 19.98 16.94
N THR J 33 -7.84 20.19 16.40
CA THR J 33 -8.36 21.55 16.41
C THR J 33 -8.94 21.77 17.81
N MET J 34 -8.48 22.81 18.48
CA MET J 34 -8.86 23.04 19.86
C MET J 34 -10.04 23.99 19.88
N GLY J 35 -11.11 23.56 20.52
CA GLY J 35 -12.34 24.35 20.53
C GLY J 35 -12.75 24.81 21.91
N TRP J 36 -13.66 25.77 21.95
CA TRP J 36 -14.35 26.14 23.18
C TRP J 36 -15.84 26.11 22.93
N TYR J 37 -16.55 25.29 23.68
CA TYR J 37 -17.99 25.28 23.62
C TYR J 37 -18.53 25.76 24.96
N ARG J 38 -19.72 26.34 24.96
CA ARG J 38 -20.37 26.76 26.21
C ARG J 38 -21.80 26.25 26.30
N GLN J 39 -22.26 26.01 27.52
CA GLN J 39 -23.64 25.58 27.76
C GLN J 39 -24.31 26.45 28.81
N ALA J 40 -25.29 27.26 28.40
CA ALA J 40 -26.06 28.10 29.35
C ALA J 40 -27.19 27.27 29.95
N PRO J 41 -27.53 27.52 31.23
CA PRO J 41 -28.47 26.62 31.91
C PRO J 41 -29.81 26.46 31.16
N GLY J 42 -30.24 25.21 30.99
CA GLY J 42 -31.47 24.93 30.28
C GLY J 42 -31.37 25.02 28.78
N LYS J 43 -30.19 25.38 28.28
CA LYS J 43 -29.92 25.38 26.82
C LYS J 43 -28.94 24.26 26.45
N GLN J 44 -28.67 24.09 25.16
CA GLN J 44 -27.68 23.07 24.77
C GLN J 44 -26.31 23.64 24.44
N ARG J 45 -25.28 22.80 24.65
CA ARG J 45 -23.89 23.14 24.36
C ARG J 45 -23.73 23.68 22.93
N GLU J 46 -23.17 24.87 22.81
CA GLU J 46 -23.01 25.51 21.51
C GLU J 46 -21.54 25.88 21.25
N PHE J 47 -21.17 25.95 19.98
CA PHE J 47 -19.86 26.39 19.53
C PHE J 47 -19.55 27.83 19.99
N VAL J 48 -18.28 28.12 20.30
CA VAL J 48 -17.87 29.48 20.63
C VAL J 48 -16.70 29.88 19.74
N ALA J 49 -15.66 29.05 19.76
CA ALA J 49 -14.47 29.31 18.96
C ALA J 49 -13.64 28.05 18.73
N SER J 50 -12.77 28.10 17.74
CA SER J 50 -11.87 26.99 17.52
C SER J 50 -10.67 27.44 16.76
N ILE J 51 -9.54 26.80 17.00
CA ILE J 51 -8.34 27.03 16.20
C ILE J 51 -7.77 25.68 15.77
N THR J 52 -7.46 25.54 14.50
CA THR J 52 -6.91 24.29 13.99
C THR J 52 -5.41 24.18 14.30
N SER J 53 -4.83 23.05 13.91
CA SER J 53 -3.39 22.83 14.11
C SER J 53 -2.56 23.82 13.33
N TYR J 54 -3.10 24.30 12.22
CA TYR J 54 -2.42 25.31 11.41
C TYR J 54 -2.90 26.74 11.67
N GLY J 55 -3.68 26.94 12.74
CA GLY J 55 -3.97 28.28 13.21
C GLY J 55 -5.13 28.99 12.57
N ASP J 56 -6.01 28.22 11.91
CA ASP J 56 -7.22 28.75 11.31
C ASP J 56 -8.33 28.87 12.36
N THR J 57 -8.70 30.11 12.67
CA THR J 57 -9.64 30.45 13.73
C THR J 57 -11.03 30.69 13.21
N ASN J 58 -12.03 30.25 13.97
CA ASN J 58 -13.45 30.44 13.65
C ASN J 58 -14.26 30.79 14.90
N TYR J 59 -15.18 31.74 14.80
CA TYR J 59 -15.95 32.14 15.97
C TYR J 59 -17.45 32.13 15.71
N ARG J 60 -18.24 31.89 16.76
CA ARG J 60 -19.71 32.08 16.68
C ARG J 60 -19.98 33.57 16.46
N ASP J 61 -21.02 33.89 15.71
CA ASP J 61 -21.22 35.28 15.29
C ASP J 61 -21.26 36.27 16.46
N SER J 62 -21.81 35.82 17.58
CA SER J 62 -22.10 36.70 18.72
C SER J 62 -20.87 37.09 19.51
N VAL J 63 -19.73 36.66 19.01
CA VAL J 63 -18.56 36.68 19.83
C VAL J 63 -17.38 37.29 19.04
N LYS J 64 -17.56 37.41 17.73
CA LYS J 64 -16.62 38.11 16.86
C LYS J 64 -16.28 39.51 17.39
N GLY J 65 -15.00 39.84 17.34
CA GLY J 65 -14.55 41.15 17.76
C GLY J 65 -14.19 41.21 19.21
N ARG J 66 -14.83 40.39 20.04
CA ARG J 66 -14.68 40.47 21.49
C ARG J 66 -13.87 39.30 22.07
N PHE J 67 -14.05 38.13 21.48
CA PHE J 67 -13.31 36.94 21.90
C PHE J 67 -12.17 36.74 20.94
N THR J 68 -11.07 36.20 21.42
CA THR J 68 -9.97 35.88 20.51
C THR J 68 -9.21 34.63 20.99
N ILE J 69 -9.21 33.58 20.17
CA ILE J 69 -8.61 32.30 20.55
C ILE J 69 -7.18 32.16 20.01
N SER J 70 -6.32 31.44 20.76
CA SER J 70 -4.92 31.24 20.38
C SER J 70 -4.32 29.91 20.86
N ARG J 71 -3.28 29.44 20.16
CA ARG J 71 -2.51 28.27 20.58
C ARG J 71 -1.14 28.68 21.11
N ASP J 72 -0.61 27.91 22.04
CA ASP J 72 0.82 27.99 22.33
C ASP J 72 1.40 26.58 22.19
N ASN J 73 1.96 26.28 21.03
CA ASN J 73 2.37 24.93 20.73
C ASN J 73 3.44 24.41 21.67
N ALA J 74 4.18 25.31 22.31
CA ALA J 74 5.20 24.91 23.27
C ALA J 74 4.59 24.41 24.57
N LYS J 75 3.65 25.18 25.11
CA LYS J 75 3.05 24.87 26.42
C LYS J 75 1.88 23.88 26.33
N ASN J 76 1.57 23.43 25.10
CA ASN J 76 0.42 22.56 24.87
C ASN J 76 -0.87 23.11 25.45
N THR J 77 -1.14 24.40 25.27
CA THR J 77 -2.38 24.97 25.77
C THR J 77 -3.09 25.87 24.76
N VAL J 78 -4.41 26.00 24.90
CA VAL J 78 -5.28 26.90 24.12
C VAL J 78 -5.72 28.06 25.01
N TYR J 79 -5.76 29.27 24.48
CA TYR J 79 -6.29 30.34 25.29
C TYR J 79 -7.50 30.98 24.62
N LEU J 80 -8.58 31.14 25.37
CA LEU J 80 -9.70 31.99 24.93
C LEU J 80 -9.74 33.28 25.75
N GLN J 81 -9.43 34.39 25.10
CA GLN J 81 -9.46 35.70 25.74
C GLN J 81 -10.79 36.33 25.40
N MET J 82 -11.58 36.63 26.42
CA MET J 82 -12.92 37.16 26.20
C MET J 82 -12.96 38.60 26.68
N ASN J 83 -13.21 39.53 25.77
CA ASN J 83 -13.26 40.93 26.14
C ASN J 83 -14.67 41.47 26.16
N SER J 84 -14.89 42.54 26.93
CA SER J 84 -16.19 43.23 27.00
C SER J 84 -17.32 42.23 27.09
N LEU J 85 -17.32 41.46 28.18
CA LEU J 85 -18.28 40.39 28.34
C LEU J 85 -19.69 40.93 28.63
N LYS J 86 -20.67 40.22 28.11
CA LYS J 86 -22.08 40.52 28.33
C LYS J 86 -22.67 39.36 29.12
N PRO J 87 -23.78 39.62 29.85
CA PRO J 87 -24.54 38.55 30.50
C PRO J 87 -25.01 37.41 29.54
N GLU J 88 -25.23 37.69 28.26
CA GLU J 88 -25.50 36.61 27.31
C GLU J 88 -24.35 35.58 27.26
N ASP J 89 -23.17 35.95 27.78
CA ASP J 89 -22.01 35.07 27.76
C ASP J 89 -21.88 34.19 29.01
N THR J 90 -22.73 34.39 30.00
CA THR J 90 -22.70 33.53 31.18
C THR J 90 -23.00 32.11 30.75
N ALA J 91 -22.13 31.17 31.11
CA ALA J 91 -22.37 29.74 30.90
C ALA J 91 -21.32 28.86 31.57
N VAL J 92 -21.40 27.55 31.32
CA VAL J 92 -20.29 26.64 31.57
C VAL J 92 -19.49 26.45 30.29
N TYR J 93 -18.25 26.90 30.27
CA TYR J 93 -17.38 26.74 29.10
C TYR J 93 -16.63 25.41 29.12
N TYR J 94 -16.79 24.60 28.07
CA TYR J 94 -16.03 23.36 27.94
C TYR J 94 -14.93 23.49 26.91
N CYS J 95 -13.75 22.96 27.23
CA CYS J 95 -12.68 22.83 26.26
C CYS J 95 -12.97 21.60 25.40
N ASN J 96 -12.68 21.70 24.10
CA ASN J 96 -12.83 20.58 23.18
C ASN J 96 -11.52 20.29 22.51
N ALA J 97 -11.24 19.01 22.29
CA ALA J 97 -10.10 18.61 21.47
C ALA J 97 -10.61 17.65 20.42
N ASN J 98 -10.74 18.14 19.20
CA ASN J 98 -11.21 17.34 18.07
C ASN J 98 -10.01 16.93 17.20
N ILE J 99 -9.80 15.62 17.09
CA ILE J 99 -8.77 15.06 16.21
C ILE J 99 -9.08 15.30 14.73
N GLU J 100 -8.20 16.05 14.05
CA GLU J 100 -8.42 16.53 12.69
C GLU J 100 -8.52 15.46 11.63
N ALA J 101 -9.35 15.67 10.63
CA ALA J 101 -9.38 14.78 9.47
C ALA J 101 -8.00 14.68 8.85
N GLY J 102 -7.45 13.48 8.73
CA GLY J 102 -6.15 13.30 8.11
C GLY J 102 -5.10 12.80 9.10
N THR J 103 -5.49 12.68 10.36
CA THR J 103 -4.60 12.15 11.36
C THR J 103 -5.40 11.25 12.28
N TYR J 104 -4.75 10.57 13.23
CA TYR J 104 -5.40 9.49 13.97
C TYR J 104 -4.82 9.35 15.37
N TYR J 105 -5.66 9.10 16.38
CA TYR J 105 -5.13 8.72 17.69
C TYR J 105 -5.72 7.40 18.17
N GLY J 106 -6.89 7.47 18.76
CA GLY J 106 -7.51 6.25 19.25
C GLY J 106 -8.73 5.97 18.40
N PRO J 107 -9.70 5.28 18.99
CA PRO J 107 -11.05 5.31 18.42
C PRO J 107 -11.66 6.67 18.79
N GLY J 108 -10.99 7.35 19.73
CA GLY J 108 -11.43 8.64 20.24
C GLY J 108 -11.14 9.79 19.30
N ARG J 109 -12.20 10.38 18.75
CA ARG J 109 -12.12 11.50 17.84
C ARG J 109 -12.54 12.82 18.52
N ASP J 110 -12.99 12.76 19.78
CA ASP J 110 -13.42 13.95 20.52
C ASP J 110 -13.10 13.85 22.01
N TYR J 111 -12.50 14.88 22.57
CA TYR J 111 -12.20 14.92 24.00
C TYR J 111 -12.70 16.19 24.62
N TRP J 112 -13.19 16.09 25.85
CA TRP J 112 -13.79 17.24 26.48
C TRP J 112 -13.18 17.55 27.83
N GLY J 113 -13.22 18.83 28.16
CA GLY J 113 -12.89 19.29 29.50
C GLY J 113 -14.02 19.03 30.46
N GLN J 114 -13.73 19.27 31.73
CA GLN J 114 -14.68 18.99 32.80
C GLN J 114 -15.81 20.01 32.75
N GLY J 115 -15.48 21.22 32.35
CA GLY J 115 -16.42 22.32 32.41
C GLY J 115 -15.81 23.31 33.36
N THR J 116 -16.21 24.57 33.23
CA THR J 116 -15.73 25.65 34.08
C THR J 116 -16.71 26.82 33.94
N GLN J 117 -17.16 27.35 35.06
CA GLN J 117 -18.23 28.36 35.07
C GLN J 117 -17.73 29.80 34.88
N VAL J 118 -18.27 30.47 33.88
CA VAL J 118 -18.10 31.92 33.70
C VAL J 118 -19.42 32.63 34.06
N THR J 119 -19.38 33.59 34.98
CA THR J 119 -20.54 34.45 35.22
C THR J 119 -20.24 35.95 34.98
N VAL J 120 -20.97 36.54 34.04
CA VAL J 120 -20.90 37.97 33.73
C VAL J 120 -22.05 38.65 34.48
N SER J 121 -21.75 39.69 35.26
CA SER J 121 -22.58 39.92 36.45
C SER J 121 -23.45 41.17 36.72
N SER J 122 -23.67 42.11 35.80
CA SER J 122 -24.52 43.30 36.16
C SER J 122 -24.01 44.18 37.34
N HIS J 123 -24.04 45.49 37.19
CA HIS J 123 -23.38 46.32 38.20
C HIS J 123 -24.11 46.42 39.55
N HIS J 124 -25.39 46.04 39.59
CA HIS J 124 -26.17 46.12 40.83
C HIS J 124 -26.10 44.85 41.66
N HIS J 125 -25.48 43.80 41.09
CA HIS J 125 -25.27 42.52 41.76
C HIS J 125 -23.98 42.54 42.59
N HIS J 126 -23.90 41.62 43.53
CA HIS J 126 -22.63 41.21 44.13
C HIS J 126 -21.96 40.39 43.00
N HIS J 127 -20.72 40.62 42.54
CA HIS J 127 -19.48 41.01 43.21
C HIS J 127 -18.82 39.71 43.72
N HIS J 128 -19.40 39.07 44.73
CA HIS J 128 -18.99 37.73 45.10
C HIS J 128 -20.23 36.85 45.19
N VAL K 2 -19.33 21.53 10.41
CA VAL K 2 -19.97 21.12 9.16
C VAL K 2 -21.38 21.68 9.07
N GLN K 3 -21.71 22.34 7.97
CA GLN K 3 -22.95 23.10 7.88
C GLN K 3 -23.46 23.32 6.45
N LEU K 4 -24.74 23.03 6.23
CA LEU K 4 -25.32 23.25 4.91
C LEU K 4 -26.48 24.26 4.91
N GLN K 5 -26.28 25.38 4.22
CA GLN K 5 -27.29 26.44 4.11
C GLN K 5 -27.92 26.52 2.72
N GLU K 6 -29.04 25.86 2.49
CA GLU K 6 -29.70 26.07 1.20
C GLU K 6 -30.56 27.32 1.25
N SER K 7 -30.70 27.95 0.08
CA SER K 7 -31.48 29.16 -0.06
C SER K 7 -32.02 29.24 -1.48
N GLY K 8 -32.88 30.21 -1.73
CA GLY K 8 -33.58 30.30 -3.00
C GLY K 8 -34.96 29.69 -2.83
N GLY K 9 -35.77 29.76 -3.87
CA GLY K 9 -37.05 29.09 -3.79
C GLY K 9 -38.12 29.69 -2.91
N GLY K 10 -39.16 30.19 -3.56
CA GLY K 10 -40.36 30.60 -2.86
C GLY K 10 -41.56 30.04 -3.60
N LEU K 11 -42.42 30.93 -4.07
CA LEU K 11 -43.57 30.53 -4.87
C LEU K 11 -43.30 30.85 -6.32
N VAL K 12 -43.70 29.94 -7.19
CA VAL K 12 -43.64 30.19 -8.62
C VAL K 12 -44.83 29.55 -9.32
N GLN K 13 -45.42 30.28 -10.26
CA GLN K 13 -46.57 29.80 -10.98
C GLN K 13 -46.07 28.78 -11.99
N ALA K 14 -46.86 27.74 -12.21
CA ALA K 14 -46.49 26.63 -13.08
C ALA K 14 -45.88 27.09 -14.39
N GLY K 15 -44.85 26.38 -14.86
CA GLY K 15 -44.27 26.68 -16.14
C GLY K 15 -43.07 27.59 -16.01
N GLY K 16 -42.82 28.07 -14.80
CA GLY K 16 -41.66 28.92 -14.54
C GLY K 16 -40.37 28.26 -14.06
N SER K 17 -39.40 29.10 -13.70
CA SER K 17 -38.07 28.67 -13.26
C SER K 17 -37.69 29.15 -11.86
N LEU K 18 -36.97 28.32 -11.11
CA LEU K 18 -36.31 28.73 -9.87
C LEU K 18 -34.87 28.26 -9.86
N ARG K 19 -34.00 28.92 -9.08
CA ARG K 19 -32.64 28.45 -8.88
C ARG K 19 -32.33 28.36 -7.40
N LEU K 20 -32.24 27.12 -6.89
CA LEU K 20 -31.86 26.92 -5.50
C LEU K 20 -30.33 26.83 -5.37
N SER K 21 -29.80 27.32 -4.25
CA SER K 21 -28.37 27.16 -4.00
C SER K 21 -28.11 26.63 -2.60
N CYS K 22 -26.98 25.96 -2.44
CA CYS K 22 -26.58 25.43 -1.14
C CYS K 22 -25.16 25.79 -0.84
N ALA K 23 -24.96 26.47 0.29
CA ALA K 23 -23.62 26.79 0.73
C ALA K 23 -23.13 25.68 1.64
N VAL K 24 -22.03 25.03 1.26
CA VAL K 24 -21.45 23.95 2.04
C VAL K 24 -20.16 24.41 2.71
N SER K 25 -19.99 24.03 3.98
CA SER K 25 -18.76 24.31 4.72
C SER K 25 -17.55 23.68 4.03
N GLY K 26 -16.57 24.49 3.64
CA GLY K 26 -15.44 24.02 2.84
C GLY K 26 -14.62 22.81 3.29
N SER K 27 -14.78 22.40 4.55
CA SER K 27 -14.07 21.25 5.04
C SER K 27 -14.50 19.95 4.37
N ILE K 28 -15.73 19.88 3.87
CA ILE K 28 -16.22 18.64 3.25
C ILE K 28 -16.72 18.79 1.83
N PHE K 29 -16.81 20.00 1.33
CA PHE K 29 -17.35 20.21 0.00
C PHE K 29 -16.64 19.43 -1.10
N ARG K 30 -15.31 19.45 -1.14
CA ARG K 30 -14.60 18.77 -2.22
C ARG K 30 -14.59 17.28 -2.02
N LEU K 31 -15.01 16.85 -0.84
CA LEU K 31 -14.94 15.46 -0.45
C LEU K 31 -16.19 14.68 -0.87
N SER K 32 -17.19 15.38 -1.38
CA SER K 32 -18.50 14.77 -1.48
C SER K 32 -19.24 14.98 -2.80
N THR K 33 -20.15 14.07 -3.11
CA THR K 33 -21.09 14.30 -4.19
C THR K 33 -22.25 15.07 -3.56
N MET K 34 -22.56 16.24 -4.12
CA MET K 34 -23.65 17.04 -3.63
C MET K 34 -24.98 16.58 -4.23
N GLY K 35 -26.05 16.66 -3.45
CA GLY K 35 -27.31 16.09 -3.88
C GLY K 35 -28.46 17.03 -3.58
N TRP K 36 -29.65 16.69 -4.06
CA TRP K 36 -30.86 17.36 -3.65
C TRP K 36 -31.92 16.33 -3.52
N TYR K 37 -32.58 16.30 -2.37
CA TYR K 37 -33.67 15.40 -2.17
C TYR K 37 -34.90 16.28 -2.07
N ARG K 38 -36.09 15.71 -2.08
CA ARG K 38 -37.25 16.53 -1.82
C ARG K 38 -38.29 15.77 -1.04
N GLN K 39 -39.17 16.50 -0.36
CA GLN K 39 -40.23 15.87 0.41
C GLN K 39 -41.54 16.66 0.32
N ALA K 40 -42.56 16.01 -0.22
CA ALA K 40 -43.89 16.61 -0.30
C ALA K 40 -44.60 16.41 1.04
N PRO K 41 -45.53 17.30 1.39
CA PRO K 41 -46.22 17.12 2.67
C PRO K 41 -46.94 15.78 2.72
N GLY K 42 -46.56 14.91 3.65
CA GLY K 42 -47.26 13.65 3.81
C GLY K 42 -46.51 12.44 3.26
N LYS K 43 -45.90 12.60 2.09
CA LYS K 43 -45.10 11.56 1.46
C LYS K 43 -43.65 11.52 2.02
N GLN K 44 -42.86 10.54 1.60
CA GLN K 44 -41.48 10.44 2.11
C GLN K 44 -40.40 10.89 1.12
N ARG K 45 -39.24 11.29 1.68
CA ARG K 45 -38.20 11.99 0.94
C ARG K 45 -37.63 11.20 -0.25
N GLU K 46 -37.30 11.91 -1.33
CA GLU K 46 -37.04 11.36 -2.65
C GLU K 46 -35.78 11.95 -3.29
N PHE K 47 -35.02 11.14 -4.02
CA PHE K 47 -33.89 11.65 -4.79
C PHE K 47 -34.36 12.62 -5.90
N VAL K 48 -33.56 13.64 -6.20
CA VAL K 48 -33.86 14.58 -7.29
C VAL K 48 -32.70 14.74 -8.26
N ALA K 49 -31.54 15.09 -7.74
CA ALA K 49 -30.33 15.15 -8.57
C ALA K 49 -29.08 15.04 -7.70
N SER K 50 -27.95 14.79 -8.33
CA SER K 50 -26.68 14.76 -7.62
C SER K 50 -25.54 15.14 -8.54
N ILE K 51 -24.40 15.50 -7.95
CA ILE K 51 -23.22 15.77 -8.75
C ILE K 51 -21.92 15.40 -8.03
N THR K 52 -21.23 14.38 -8.54
CA THR K 52 -19.99 13.94 -7.92
C THR K 52 -18.91 15.03 -7.97
N SER K 53 -17.77 14.77 -7.35
CA SER K 53 -16.68 15.74 -7.29
C SER K 53 -16.04 15.96 -8.68
N TYR K 54 -16.21 14.98 -9.56
CA TYR K 54 -15.68 15.07 -10.92
C TYR K 54 -16.79 15.38 -11.93
N GLY K 55 -17.79 16.14 -11.49
CA GLY K 55 -18.85 16.62 -12.36
C GLY K 55 -19.86 15.65 -12.98
N ASP K 56 -19.88 14.38 -12.56
CA ASP K 56 -20.86 13.41 -13.08
C ASP K 56 -22.24 13.66 -12.46
N THR K 57 -23.26 13.79 -13.31
CA THR K 57 -24.62 14.09 -12.86
C THR K 57 -25.58 12.88 -12.90
N ASN K 58 -26.71 13.02 -12.22
CA ASN K 58 -27.76 12.00 -12.16
C ASN K 58 -29.06 12.66 -11.81
N TYR K 59 -30.18 12.17 -12.34
CA TYR K 59 -31.49 12.78 -12.08
C TYR K 59 -32.62 11.73 -11.94
N ARG K 60 -33.61 12.00 -11.09
CA ARG K 60 -34.82 11.18 -11.10
C ARG K 60 -35.51 11.38 -12.46
N ASP K 61 -36.33 10.41 -12.87
CA ASP K 61 -36.90 10.43 -14.21
C ASP K 61 -37.83 11.60 -14.43
N SER K 62 -38.64 11.89 -13.42
CA SER K 62 -39.70 12.90 -13.53
C SER K 62 -39.14 14.30 -13.74
N VAL K 63 -37.83 14.43 -13.65
CA VAL K 63 -37.17 15.71 -13.56
C VAL K 63 -36.15 15.90 -14.69
N LYS K 64 -35.64 14.79 -15.23
CA LYS K 64 -34.71 14.80 -16.36
C LYS K 64 -35.18 15.75 -17.47
N GLY K 65 -34.23 16.41 -18.12
CA GLY K 65 -34.55 17.32 -19.20
C GLY K 65 -35.00 18.70 -18.74
N ARG K 66 -35.38 18.81 -17.48
CA ARG K 66 -35.89 20.07 -16.95
C ARG K 66 -34.97 20.73 -15.94
N PHE K 67 -34.41 19.93 -15.03
CA PHE K 67 -33.55 20.46 -13.97
C PHE K 67 -32.10 20.27 -14.38
N THR K 68 -31.23 21.19 -13.99
CA THR K 68 -29.81 20.89 -14.08
C THR K 68 -29.07 21.23 -12.77
N ILE K 69 -28.11 20.38 -12.40
CA ILE K 69 -27.35 20.59 -11.17
C ILE K 69 -25.91 20.95 -11.50
N SER K 70 -25.34 21.92 -10.78
CA SER K 70 -23.94 22.30 -11.01
C SER K 70 -23.16 22.61 -9.72
N ARG K 71 -21.83 22.72 -9.83
CA ARG K 71 -20.95 23.08 -8.71
C ARG K 71 -20.19 24.34 -9.08
N ASP K 72 -20.03 25.27 -8.13
CA ASP K 72 -19.04 26.32 -8.26
C ASP K 72 -17.96 25.99 -7.24
N ASN K 73 -16.93 25.28 -7.67
CA ASN K 73 -15.96 24.74 -6.72
C ASN K 73 -15.23 25.80 -5.93
N ALA K 74 -15.16 27.00 -6.50
CA ALA K 74 -14.54 28.13 -5.82
C ALA K 74 -15.37 28.69 -4.64
N LYS K 75 -16.70 28.64 -4.74
CA LYS K 75 -17.58 29.22 -3.72
C LYS K 75 -18.18 28.16 -2.79
N ASN K 76 -17.77 26.91 -3.00
CA ASN K 76 -18.28 25.77 -2.24
C ASN K 76 -19.79 25.62 -2.28
N THR K 77 -20.40 25.74 -3.46
CA THR K 77 -21.86 25.70 -3.55
C THR K 77 -22.39 24.79 -4.66
N VAL K 78 -23.53 24.14 -4.39
CA VAL K 78 -24.28 23.44 -5.41
C VAL K 78 -25.44 24.28 -5.81
N TYR K 79 -25.67 24.36 -7.12
CA TYR K 79 -26.83 25.05 -7.63
C TYR K 79 -27.73 24.02 -8.28
N LEU K 80 -29.02 24.10 -8.00
CA LEU K 80 -30.02 23.36 -8.78
C LEU K 80 -30.91 24.35 -9.55
N GLN K 81 -30.82 24.32 -10.87
CA GLN K 81 -31.68 25.13 -11.73
C GLN K 81 -32.90 24.34 -12.13
N MET K 82 -34.07 24.75 -11.63
CA MET K 82 -35.33 24.13 -12.01
C MET K 82 -35.96 24.94 -13.14
N ASN K 83 -36.25 24.28 -14.27
CA ASN K 83 -36.88 24.95 -15.42
C ASN K 83 -38.27 24.39 -15.69
N SER K 84 -39.14 25.23 -16.27
CA SER K 84 -40.54 24.86 -16.56
C SER K 84 -41.17 23.88 -15.56
N LEU K 85 -41.40 24.38 -14.35
CA LEU K 85 -41.87 23.57 -13.24
C LEU K 85 -43.30 23.09 -13.38
N LYS K 86 -43.66 22.05 -12.64
CA LYS K 86 -45.00 21.49 -12.63
C LYS K 86 -45.53 21.43 -11.21
N PRO K 87 -46.86 21.32 -11.04
CA PRO K 87 -47.41 21.13 -9.69
C PRO K 87 -46.89 19.88 -8.97
N GLU K 88 -46.40 18.87 -9.69
CA GLU K 88 -45.87 17.68 -9.02
C GLU K 88 -44.53 17.93 -8.32
N ASP K 89 -43.90 19.07 -8.64
CA ASP K 89 -42.57 19.40 -8.11
C ASP K 89 -42.63 20.20 -6.81
N THR K 90 -43.82 20.45 -6.31
CA THR K 90 -43.97 21.15 -5.04
C THR K 90 -43.50 20.28 -3.90
N ALA K 91 -42.53 20.78 -3.13
CA ALA K 91 -42.01 20.11 -1.94
C ALA K 91 -41.03 20.98 -1.15
N VAL K 92 -40.54 20.44 -0.05
CA VAL K 92 -39.38 21.02 0.63
C VAL K 92 -38.14 20.35 0.05
N TYR K 93 -37.23 21.15 -0.51
CA TYR K 93 -36.02 20.65 -1.15
C TYR K 93 -34.82 20.67 -0.23
N TYR K 94 -34.29 19.51 0.13
CA TYR K 94 -33.13 19.45 1.04
C TYR K 94 -31.80 19.28 0.32
N CYS K 95 -30.85 20.15 0.63
CA CYS K 95 -29.45 19.97 0.22
C CYS K 95 -28.84 18.76 0.94
N ASN K 96 -28.01 18.00 0.24
CA ASN K 96 -27.36 16.83 0.86
C ASN K 96 -25.91 16.63 0.46
N ALA K 97 -25.04 16.41 1.43
CA ALA K 97 -23.61 16.21 1.15
C ALA K 97 -23.20 14.80 1.49
N ASN K 98 -22.65 14.10 0.51
CA ASN K 98 -22.40 12.69 0.66
C ASN K 98 -20.95 12.31 0.34
N ILE K 99 -20.12 12.14 1.36
CA ILE K 99 -18.69 11.85 1.21
C ILE K 99 -18.41 10.71 0.22
N GLU K 100 -17.57 10.95 -0.77
CA GLU K 100 -17.33 9.91 -1.77
C GLU K 100 -16.45 8.79 -1.25
N ALA K 101 -16.65 7.61 -1.82
CA ALA K 101 -15.84 6.46 -1.46
C ALA K 101 -14.48 6.69 -2.08
N GLY K 102 -13.43 6.62 -1.26
CA GLY K 102 -12.07 6.86 -1.72
C GLY K 102 -11.44 8.05 -1.04
N THR K 103 -12.25 8.88 -0.39
CA THR K 103 -11.70 9.86 0.52
C THR K 103 -12.17 9.41 1.85
N TYR K 104 -11.40 9.67 2.89
CA TYR K 104 -11.89 9.41 4.23
C TYR K 104 -12.24 10.72 4.92
N TYR K 105 -13.21 10.64 5.80
CA TYR K 105 -13.57 11.73 6.68
C TYR K 105 -14.38 10.91 7.64
N GLY K 106 -14.36 11.27 8.92
CA GLY K 106 -15.10 10.51 9.90
C GLY K 106 -15.73 11.39 10.96
N PRO K 107 -16.67 10.82 11.73
CA PRO K 107 -17.30 9.54 11.37
C PRO K 107 -18.62 9.84 10.69
N GLY K 108 -18.75 11.09 10.24
CA GLY K 108 -19.97 11.54 9.61
C GLY K 108 -20.33 10.75 8.37
N ARG K 109 -19.80 11.20 7.25
CA ARG K 109 -20.06 10.64 5.93
C ARG K 109 -21.34 11.14 5.25
N ASP K 110 -22.42 11.37 6.01
CA ASP K 110 -23.68 11.86 5.45
C ASP K 110 -24.21 13.10 6.20
N TYR K 111 -24.55 14.16 5.45
CA TYR K 111 -24.92 15.47 6.03
C TYR K 111 -26.11 16.14 5.34
N TRP K 112 -26.98 16.77 6.11
CA TRP K 112 -28.19 17.38 5.54
C TRP K 112 -28.42 18.85 5.87
N GLY K 113 -29.24 19.50 5.07
CA GLY K 113 -29.59 20.88 5.30
C GLY K 113 -30.98 21.01 5.90
N GLN K 114 -31.37 22.25 6.20
CA GLN K 114 -32.66 22.49 6.84
C GLN K 114 -33.79 22.38 5.81
N GLY K 115 -33.47 22.58 4.55
CA GLY K 115 -34.46 22.53 3.50
C GLY K 115 -34.79 23.91 2.96
N THR K 116 -35.55 23.93 1.89
CA THR K 116 -36.13 25.15 1.40
C THR K 116 -37.44 24.81 0.69
N GLN K 117 -38.50 25.52 1.05
CA GLN K 117 -39.82 25.25 0.51
C GLN K 117 -40.00 25.85 -0.90
N VAL K 118 -40.47 24.99 -1.81
CA VAL K 118 -40.84 25.40 -3.17
C VAL K 118 -42.28 25.04 -3.43
N THR K 119 -43.08 26.03 -3.82
CA THR K 119 -44.50 25.80 -4.12
C THR K 119 -44.85 26.22 -5.55
N VAL K 120 -45.56 25.36 -6.25
CA VAL K 120 -45.99 25.64 -7.63
C VAL K 120 -47.50 25.40 -7.76
N SER K 121 -48.24 26.38 -8.28
CA SER K 121 -49.69 26.22 -8.48
C SER K 121 -50.18 26.64 -9.87
#